data_7Q44
#
_entry.id   7Q44
#
_cell.length_a   108.460
_cell.length_b   108.460
_cell.length_c   242.850
_cell.angle_alpha   90.000
_cell.angle_beta   90.000
_cell.angle_gamma   90.000
#
_symmetry.space_group_name_H-M   'P 43 21 2'
#
loop_
_entity.id
_entity.type
_entity.pdbx_description
1 polymer 'E3 ubiquitin-protein ligase HERC2'
2 polymer 'Deubiquitinase USP35 peptide'
3 non-polymer 'CITRIC ACID'
4 water water
#
loop_
_entity_poly.entity_id
_entity_poly.type
_entity_poly.pdbx_seq_one_letter_code
_entity_poly.pdbx_strand_id
1 'polypeptide(L)'
;GAMGSLIRKKAAGLESAATIRTKVFVWGLNDKDQLGGLKGSKIKVPSFSETLSALNVVQVAGGSKSLFAVTVEGKVYACG
EATNGRLGLGISSGTVPIPRQITALSSYVVKKVAVHSGGRHATALTVDGKVFSWGEGDDGKLGHFSRMNCDKPRLIEALK
TKRIRDIACGSSHSAALTSSGELYTWGLGEYGRLGHGDNTTQLKPKMVKVLLGHRVIQVACGSRDAQTLALTDEGLVFSW
GDGDFGKLGRGGSEGCNIPQNIERLNGQGVCQIECGAQFSLALTKSGVVWTWGKGDYFRLGHGSDVHVRKPQVVEGLRGK
KIVHVAVGALHCLAVTDSGQVYAWGDNDHGQQGNGTTTVNRKPTLVQGLEGQKITRVACGSSHSVAWTTVDVATPSVHEP
VLFQT
;
A,C,E
2 'polypeptide(L)' GFDEDKDEDEGSPGG D,B,F
#
loop_
_chem_comp.id
_chem_comp.type
_chem_comp.name
_chem_comp.formula
CIT non-polymer 'CITRIC ACID' 'C6 H8 O7'
#
# COMPACT_ATOMS: atom_id res chain seq x y z
N ARG A 21 9.00 39.29 -30.66
CA ARG A 21 7.96 38.29 -30.90
C ARG A 21 8.24 36.99 -30.14
N THR A 22 7.18 36.38 -29.62
CA THR A 22 7.28 35.11 -28.91
C THR A 22 6.31 34.13 -29.54
N LYS A 23 6.82 33.02 -30.06
CA LYS A 23 5.99 31.97 -30.62
C LYS A 23 5.56 31.03 -29.50
N VAL A 24 4.26 30.78 -29.42
CA VAL A 24 3.68 29.98 -28.34
C VAL A 24 3.04 28.75 -28.95
N PHE A 25 3.34 27.59 -28.38
CA PHE A 25 2.81 26.30 -28.82
C PHE A 25 2.06 25.63 -27.66
N VAL A 26 0.91 25.05 -27.97
CA VAL A 26 0.06 24.42 -26.96
C VAL A 26 -0.40 23.05 -27.46
N TRP A 27 -0.68 22.16 -26.50
CA TRP A 27 -1.22 20.85 -26.81
C TRP A 27 -1.78 20.24 -25.52
N GLY A 28 -2.48 19.13 -25.69
CA GLY A 28 -3.15 18.47 -24.59
C GLY A 28 -4.66 18.59 -24.66
N LEU A 29 -5.28 18.48 -23.49
CA LEU A 29 -6.73 18.56 -23.40
C LEU A 29 -7.23 19.95 -23.78
N ASN A 30 -8.34 20.01 -24.51
CA ASN A 30 -8.89 21.31 -25.00
C ASN A 30 -10.42 21.29 -24.97
N ASP A 31 -11.04 20.49 -24.11
CA ASP A 31 -12.52 20.35 -24.06
C ASP A 31 -13.19 21.68 -23.72
N LYS A 32 -12.56 22.49 -22.91
CA LYS A 32 -13.14 23.78 -22.48
C LYS A 32 -12.36 24.89 -23.15
N ASP A 33 -11.76 24.61 -24.31
CA ASP A 33 -10.98 25.57 -25.09
C ASP A 33 -9.88 26.19 -24.26
N GLN A 34 -9.28 25.41 -23.34
CA GLN A 34 -8.21 25.94 -22.53
C GLN A 34 -6.91 26.11 -23.31
N LEU A 35 -6.87 25.70 -24.58
CA LEU A 35 -5.71 25.93 -25.43
C LEU A 35 -5.82 27.21 -26.24
N GLY A 36 -6.95 27.92 -26.15
CA GLY A 36 -7.02 29.28 -26.64
C GLY A 36 -7.39 29.47 -28.09
N GLY A 37 -8.17 28.58 -28.68
CA GLY A 37 -8.65 28.78 -30.03
C GLY A 37 -8.22 27.72 -31.02
N LEU A 38 -8.11 26.48 -30.57
CA LEU A 38 -7.82 25.34 -31.43
C LEU A 38 -9.07 24.46 -31.55
N LYS A 39 -9.12 23.70 -32.63
CA LYS A 39 -10.22 22.78 -32.89
C LYS A 39 -9.80 21.37 -32.50
N GLY A 40 -10.68 20.67 -31.80
CA GLY A 40 -10.40 19.34 -31.32
C GLY A 40 -10.25 19.31 -29.81
N SER A 41 -10.56 18.16 -29.21
CA SER A 41 -10.49 18.01 -27.77
C SER A 41 -9.18 17.42 -27.28
N LYS A 42 -8.51 16.59 -28.08
CA LYS A 42 -7.21 16.01 -27.73
C LYS A 42 -6.17 16.46 -28.75
N ILE A 43 -5.43 17.52 -28.44
CA ILE A 43 -4.38 18.01 -29.31
C ILE A 43 -3.11 17.24 -28.93
N LYS A 44 -2.75 16.28 -29.78
CA LYS A 44 -1.67 15.34 -29.48
C LYS A 44 -0.30 15.78 -29.99
N VAL A 45 -0.25 16.86 -30.77
CA VAL A 45 1.01 17.39 -31.28
C VAL A 45 1.05 18.88 -30.93
N PRO A 46 2.18 19.42 -30.49
CA PRO A 46 2.27 20.87 -30.25
C PRO A 46 1.79 21.65 -31.46
N SER A 47 0.88 22.58 -31.22
CA SER A 47 0.28 23.38 -32.27
C SER A 47 0.54 24.86 -32.00
N PHE A 48 0.91 25.59 -33.06
CA PHE A 48 1.16 27.01 -32.94
C PHE A 48 -0.13 27.74 -32.57
N SER A 49 -0.05 28.55 -31.51
CA SER A 49 -1.18 29.33 -31.03
C SER A 49 -1.03 30.76 -31.55
N GLU A 50 -1.87 31.13 -32.52
CA GLU A 50 -1.78 32.48 -33.07
C GLU A 50 -2.30 33.52 -32.09
N THR A 51 -3.32 33.18 -31.30
CA THR A 51 -3.84 34.13 -30.33
C THR A 51 -2.81 34.45 -29.26
N LEU A 52 -2.09 33.44 -28.76
CA LEU A 52 -1.12 33.66 -27.71
C LEU A 52 0.20 34.21 -28.26
N SER A 53 0.57 33.86 -29.49
CA SER A 53 1.83 34.36 -30.04
C SER A 53 1.75 35.84 -30.36
N ALA A 54 0.56 36.35 -30.68
CA ALA A 54 0.41 37.76 -30.98
C ALA A 54 0.55 38.65 -29.75
N LEU A 55 0.39 38.07 -28.55
CA LEU A 55 0.38 38.87 -27.33
C LEU A 55 1.77 39.28 -26.87
N ASN A 56 2.82 38.59 -27.32
CA ASN A 56 4.17 38.75 -26.81
C ASN A 56 4.19 38.48 -25.30
N VAL A 57 4.29 37.20 -24.94
CA VAL A 57 4.11 36.77 -23.55
C VAL A 57 5.47 36.67 -22.86
N VAL A 58 5.46 36.96 -21.57
CA VAL A 58 6.60 36.66 -20.71
C VAL A 58 6.37 35.40 -19.88
N GLN A 59 5.12 35.04 -19.62
CA GLN A 59 4.81 33.86 -18.84
C GLN A 59 3.47 33.30 -19.27
N VAL A 60 3.39 31.97 -19.36
CA VAL A 60 2.13 31.27 -19.46
C VAL A 60 2.02 30.34 -18.27
N ALA A 61 0.82 30.22 -17.73
CA ALA A 61 0.59 29.39 -16.55
C ALA A 61 -0.70 28.61 -16.74
N GLY A 62 -0.71 27.37 -16.27
CA GLY A 62 -1.85 26.50 -16.48
C GLY A 62 -2.51 26.03 -15.20
N GLY A 63 -3.84 26.20 -15.13
CA GLY A 63 -4.63 25.68 -14.05
C GLY A 63 -5.52 24.54 -14.48
N SER A 64 -6.52 24.25 -13.66
CA SER A 64 -7.48 23.19 -13.95
C SER A 64 -8.29 23.58 -15.18
N LYS A 65 -7.92 22.99 -16.33
CA LYS A 65 -8.58 23.29 -17.60
C LYS A 65 -8.60 24.79 -17.89
N SER A 66 -7.53 25.47 -17.51
CA SER A 66 -7.44 26.92 -17.66
C SER A 66 -6.04 27.30 -18.08
N LEU A 67 -5.92 28.49 -18.67
CA LEU A 67 -4.65 29.00 -19.15
C LEU A 67 -4.57 30.50 -18.91
N PHE A 68 -3.43 30.96 -18.42
CA PHE A 68 -3.19 32.38 -18.16
C PHE A 68 -1.90 32.80 -18.84
N ALA A 69 -1.91 33.98 -19.45
CA ALA A 69 -0.74 34.51 -20.13
C ALA A 69 -0.48 35.94 -19.68
N VAL A 70 0.75 36.22 -19.28
CA VAL A 70 1.19 37.54 -18.90
C VAL A 70 2.08 38.08 -20.02
N THR A 71 1.80 39.30 -20.47
CA THR A 71 2.50 39.90 -21.60
C THR A 71 3.61 40.83 -21.13
N VAL A 72 4.49 41.20 -22.07
CA VAL A 72 5.54 42.16 -21.78
C VAL A 72 4.94 43.50 -21.36
N GLU A 73 3.79 43.85 -21.92
CA GLU A 73 3.07 45.05 -21.51
C GLU A 73 2.65 45.01 -20.05
N GLY A 74 2.51 43.82 -19.48
CA GLY A 74 2.05 43.68 -18.11
C GLY A 74 0.60 43.32 -17.95
N LYS A 75 -0.10 42.99 -19.04
CA LYS A 75 -1.49 42.58 -18.98
C LYS A 75 -1.58 41.06 -18.83
N VAL A 76 -2.72 40.60 -18.33
CA VAL A 76 -2.98 39.19 -18.14
C VAL A 76 -4.15 38.78 -19.02
N TYR A 77 -4.01 37.66 -19.71
CA TYR A 77 -5.06 37.09 -20.53
C TYR A 77 -5.38 35.69 -20.04
N ALA A 78 -6.65 35.31 -20.10
CA ALA A 78 -7.10 34.04 -19.58
C ALA A 78 -8.03 33.37 -20.57
N CYS A 79 -8.05 32.03 -20.52
CA CYS A 79 -9.00 31.26 -21.32
C CYS A 79 -9.21 29.91 -20.65
N GLY A 80 -10.24 29.20 -21.10
CA GLY A 80 -10.57 27.90 -20.56
C GLY A 80 -11.87 27.91 -19.78
N GLU A 81 -12.02 26.92 -18.90
CA GLU A 81 -13.22 26.81 -18.09
C GLU A 81 -13.27 27.95 -17.08
N ALA A 82 -14.45 28.57 -16.96
CA ALA A 82 -14.62 29.73 -16.08
C ALA A 82 -15.35 29.39 -14.79
N THR A 83 -15.64 28.11 -14.53
CA THR A 83 -16.33 27.73 -13.32
C THR A 83 -15.54 28.17 -12.08
N ASN A 84 -16.28 28.55 -11.03
CA ASN A 84 -15.72 29.03 -9.77
C ASN A 84 -14.98 30.35 -9.91
N GLY A 85 -15.21 31.08 -11.00
CA GLY A 85 -14.51 32.33 -11.23
C GLY A 85 -13.00 32.18 -11.33
N ARG A 86 -12.52 31.00 -11.74
CA ARG A 86 -11.09 30.74 -11.72
C ARG A 86 -10.31 31.60 -12.71
N LEU A 87 -10.97 32.18 -13.71
CA LEU A 87 -10.26 33.00 -14.70
C LEU A 87 -10.17 34.46 -14.31
N GLY A 88 -10.96 34.91 -13.33
CA GLY A 88 -10.89 36.29 -12.89
C GLY A 88 -11.45 37.28 -13.88
N LEU A 89 -12.46 36.90 -14.66
CA LEU A 89 -13.00 37.73 -15.72
C LEU A 89 -14.39 38.26 -15.40
N GLY A 90 -14.83 38.20 -14.13
CA GLY A 90 -16.15 38.66 -13.75
C GLY A 90 -17.26 37.65 -13.92
N ILE A 91 -16.99 36.50 -14.54
CA ILE A 91 -17.99 35.46 -14.74
C ILE A 91 -17.66 34.28 -13.84
N SER A 92 -18.50 33.26 -13.84
CA SER A 92 -18.25 32.10 -12.97
C SER A 92 -18.98 30.85 -13.40
N SER A 93 -19.29 30.70 -14.70
CA SER A 93 -20.03 29.51 -15.13
C SER A 93 -19.46 28.88 -16.40
N GLY A 94 -19.48 29.61 -17.51
CA GLY A 94 -19.18 29.05 -18.81
C GLY A 94 -17.72 28.79 -19.08
N THR A 95 -17.34 28.95 -20.35
CA THR A 95 -15.96 28.86 -20.80
C THR A 95 -15.67 30.07 -21.68
N VAL A 96 -14.42 30.53 -21.67
CA VAL A 96 -14.01 31.58 -22.59
C VAL A 96 -13.03 30.97 -23.58
N PRO A 97 -13.41 30.85 -24.86
CA PRO A 97 -12.56 30.10 -25.80
C PRO A 97 -11.42 30.89 -26.40
N ILE A 98 -11.43 32.21 -26.28
CA ILE A 98 -10.36 33.05 -26.81
C ILE A 98 -9.71 33.77 -25.63
N PRO A 99 -8.38 33.88 -25.58
CA PRO A 99 -7.73 34.62 -24.49
C PRO A 99 -8.30 36.03 -24.33
N ARG A 100 -8.93 36.29 -23.18
CA ARG A 100 -9.53 37.57 -22.87
C ARG A 100 -8.72 38.26 -21.79
N GLN A 101 -8.58 39.58 -21.89
CA GLN A 101 -7.79 40.34 -20.94
C GLN A 101 -8.53 40.45 -19.60
N ILE A 102 -7.79 40.22 -18.52
CA ILE A 102 -8.30 40.47 -17.17
C ILE A 102 -8.29 41.97 -16.96
N THR A 103 -9.39 42.64 -17.34
CA THR A 103 -9.44 44.10 -17.31
C THR A 103 -9.34 44.66 -15.91
N ALA A 104 -9.63 43.86 -14.88
CA ALA A 104 -9.53 44.36 -13.51
C ALA A 104 -8.12 44.76 -13.16
N LEU A 105 -7.12 44.20 -13.83
CA LEU A 105 -5.72 44.48 -13.54
C LEU A 105 -5.08 45.41 -14.58
N SER A 106 -5.89 46.03 -15.44
CA SER A 106 -5.34 46.80 -16.56
C SER A 106 -4.57 48.04 -16.11
N SER A 107 -4.75 48.49 -14.87
CA SER A 107 -4.02 49.64 -14.36
C SER A 107 -2.73 49.26 -13.65
N TYR A 108 -2.33 47.99 -13.69
CA TYR A 108 -1.08 47.53 -13.12
C TYR A 108 -0.29 46.78 -14.17
N VAL A 109 1.00 46.65 -13.92
CA VAL A 109 1.89 45.83 -14.74
C VAL A 109 2.17 44.55 -13.96
N VAL A 110 1.54 43.45 -14.39
CA VAL A 110 1.69 42.17 -13.72
C VAL A 110 2.97 41.50 -14.17
N LYS A 111 3.70 40.94 -13.21
CA LYS A 111 4.96 40.24 -13.47
C LYS A 111 4.79 38.73 -13.54
N LYS A 112 3.89 38.16 -12.74
CA LYS A 112 3.74 36.70 -12.68
C LYS A 112 2.33 36.36 -12.21
N VAL A 113 1.78 35.28 -12.75
CA VAL A 113 0.53 34.68 -12.30
C VAL A 113 0.84 33.31 -11.73
N ALA A 114 0.35 33.04 -10.52
CA ALA A 114 0.58 31.78 -9.85
C ALA A 114 -0.71 30.97 -9.84
N VAL A 115 -0.62 29.72 -10.30
CA VAL A 115 -1.78 28.83 -10.33
C VAL A 115 -1.26 27.40 -10.30
N HIS A 116 -1.99 26.53 -9.64
CA HIS A 116 -1.66 25.11 -9.63
C HIS A 116 -2.33 24.40 -10.80
N SER A 117 -1.69 23.33 -11.27
CA SER A 117 -2.26 22.57 -12.38
C SER A 117 -3.67 22.07 -12.07
N GLY A 118 -3.94 21.74 -10.80
CA GLY A 118 -5.29 21.34 -10.42
C GLY A 118 -5.97 22.40 -9.58
N GLY A 119 -5.76 23.67 -9.92
CA GLY A 119 -6.22 24.78 -9.11
C GLY A 119 -7.40 25.50 -9.73
N ARG A 120 -8.25 26.04 -8.87
CA ARG A 120 -9.39 26.87 -9.29
C ARG A 120 -9.29 28.28 -8.72
N HIS A 121 -8.10 28.66 -8.24
CA HIS A 121 -7.83 30.03 -7.82
C HIS A 121 -6.43 30.38 -8.26
N ALA A 122 -6.14 31.69 -8.31
CA ALA A 122 -4.85 32.14 -8.78
C ALA A 122 -4.53 33.49 -8.14
N THR A 123 -3.24 33.80 -8.11
CA THR A 123 -2.76 35.10 -7.67
C THR A 123 -1.94 35.74 -8.77
N ALA A 124 -1.86 37.07 -8.71
CA ALA A 124 -1.04 37.85 -9.63
C ALA A 124 -0.16 38.79 -8.81
N LEU A 125 1.11 38.86 -9.19
CA LEU A 125 2.08 39.74 -8.55
C LEU A 125 2.50 40.82 -9.53
N THR A 126 2.42 42.07 -9.10
CA THR A 126 2.82 43.19 -9.93
C THR A 126 4.31 43.47 -9.76
N VAL A 127 4.84 44.30 -10.66
CA VAL A 127 6.27 44.61 -10.62
C VAL A 127 6.62 45.40 -9.36
N ASP A 128 5.68 46.17 -8.83
CA ASP A 128 5.92 46.93 -7.60
C ASP A 128 5.53 46.16 -6.35
N GLY A 129 5.31 44.85 -6.45
CA GLY A 129 5.17 43.99 -5.28
C GLY A 129 3.78 43.82 -4.71
N LYS A 130 2.74 44.19 -5.46
CA LYS A 130 1.37 43.99 -4.98
C LYS A 130 0.84 42.65 -5.45
N VAL A 131 -0.01 42.04 -4.62
CA VAL A 131 -0.56 40.72 -4.89
C VAL A 131 -2.08 40.83 -4.94
N PHE A 132 -2.67 40.31 -6.02
CA PHE A 132 -4.10 40.15 -6.17
C PHE A 132 -4.42 38.66 -6.22
N SER A 133 -5.63 38.30 -5.79
CA SER A 133 -6.09 36.92 -5.84
C SER A 133 -7.52 36.89 -6.36
N TRP A 134 -7.90 35.74 -6.90
CA TRP A 134 -9.24 35.55 -7.45
C TRP A 134 -9.50 34.07 -7.64
N GLY A 135 -10.77 33.73 -7.80
CA GLY A 135 -11.16 32.35 -8.02
C GLY A 135 -11.90 31.75 -6.83
N GLU A 136 -11.72 30.44 -6.65
CA GLU A 136 -12.39 29.73 -5.57
C GLU A 136 -11.90 30.21 -4.22
N GLY A 137 -12.82 30.49 -3.30
CA GLY A 137 -12.49 31.03 -2.02
C GLY A 137 -12.42 30.06 -0.86
N ASP A 138 -12.64 28.77 -1.11
CA ASP A 138 -12.72 27.78 -0.03
C ASP A 138 -11.45 27.79 0.82
N ASP A 139 -11.64 27.69 2.13
CA ASP A 139 -10.56 27.57 3.11
C ASP A 139 -9.68 28.82 3.18
N GLY A 140 -10.15 29.94 2.63
CA GLY A 140 -9.41 31.18 2.74
C GLY A 140 -8.17 31.28 1.87
N LYS A 141 -8.09 30.49 0.80
CA LYS A 141 -6.90 30.50 -0.05
C LYS A 141 -6.68 31.85 -0.73
N LEU A 142 -7.71 32.66 -0.88
CA LEU A 142 -7.54 33.98 -1.49
C LEU A 142 -6.94 34.99 -0.52
N GLY A 143 -7.09 34.77 0.79
CA GLY A 143 -6.40 35.58 1.78
C GLY A 143 -7.08 36.87 2.17
N HIS A 144 -8.40 36.93 2.06
CA HIS A 144 -9.16 38.16 2.41
C HIS A 144 -9.84 37.97 3.76
N PHE A 145 -9.21 37.29 4.72
CA PHE A 145 -9.85 36.96 6.04
C PHE A 145 -11.25 36.39 5.83
N SER A 146 -11.44 35.54 4.82
CA SER A 146 -12.81 35.04 4.53
C SER A 146 -12.72 33.76 3.68
N ARG A 147 -13.87 33.26 3.21
CA ARG A 147 -13.92 32.02 2.39
C ARG A 147 -14.79 32.33 1.19
N MET A 148 -14.94 33.61 0.88
CA MET A 148 -15.73 34.05 -0.27
C MET A 148 -14.96 33.85 -1.57
N ASN A 149 -15.70 33.49 -2.62
CA ASN A 149 -15.14 33.49 -3.96
C ASN A 149 -14.94 34.93 -4.43
N CYS A 150 -14.11 35.07 -5.48
CA CYS A 150 -13.88 36.36 -6.11
C CYS A 150 -13.88 36.14 -7.62
N ASP A 151 -14.89 36.69 -8.30
CA ASP A 151 -14.94 36.60 -9.76
C ASP A 151 -13.90 37.47 -10.43
N LYS A 152 -13.41 38.50 -9.74
CA LYS A 152 -12.40 39.41 -10.25
C LYS A 152 -11.26 39.51 -9.25
N PRO A 153 -10.05 39.83 -9.72
CA PRO A 153 -8.93 39.96 -8.79
C PRO A 153 -9.20 41.00 -7.69
N ARG A 154 -8.75 40.69 -6.48
CA ARG A 154 -8.86 41.58 -5.34
C ARG A 154 -7.50 41.69 -4.66
N LEU A 155 -7.11 42.91 -4.32
CA LEU A 155 -5.84 43.12 -3.64
C LEU A 155 -5.84 42.45 -2.27
N ILE A 156 -4.78 41.71 -1.99
CA ILE A 156 -4.60 41.07 -0.67
C ILE A 156 -4.10 42.16 0.26
N GLU A 157 -5.01 42.74 1.06
CA GLU A 157 -4.65 43.86 1.91
C GLU A 157 -3.56 43.50 2.91
N ALA A 158 -3.58 42.25 3.41
CA ALA A 158 -2.64 41.87 4.45
C ALA A 158 -1.19 41.89 3.99
N LEU A 159 -0.94 41.89 2.69
CA LEU A 159 0.41 41.90 2.15
C LEU A 159 0.83 43.28 1.64
N LYS A 160 0.06 44.32 1.95
CA LYS A 160 0.30 45.63 1.34
C LYS A 160 1.63 46.21 1.78
N THR A 161 1.98 46.10 3.06
CA THR A 161 3.19 46.70 3.59
C THR A 161 4.44 45.88 3.30
N LYS A 162 4.33 44.82 2.51
CA LYS A 162 5.45 43.93 2.23
C LYS A 162 5.79 43.97 0.74
N ARG A 163 7.08 43.97 0.46
CA ARG A 163 7.53 43.92 -0.95
C ARG A 163 7.59 42.45 -1.38
N ILE A 164 6.55 41.98 -2.04
CA ILE A 164 6.48 40.55 -2.43
C ILE A 164 7.27 40.34 -3.71
N ARG A 165 8.20 39.38 -3.71
CA ARG A 165 9.08 39.10 -4.85
C ARG A 165 8.64 37.83 -5.59
N ASP A 166 7.95 36.90 -4.92
CA ASP A 166 7.42 35.68 -5.59
C ASP A 166 6.12 35.15 -4.98
N ILE A 167 5.35 34.37 -5.73
CA ILE A 167 4.08 33.82 -5.31
C ILE A 167 3.96 32.39 -5.79
N ALA A 168 3.08 31.63 -5.14
CA ALA A 168 2.76 30.27 -5.52
C ALA A 168 1.38 29.91 -5.00
N CYS A 169 0.71 29.02 -5.72
CA CYS A 169 -0.64 28.60 -5.36
C CYS A 169 -0.76 27.10 -5.49
N GLY A 170 -1.35 26.46 -4.47
CA GLY A 170 -1.75 25.07 -4.55
C GLY A 170 -3.20 24.97 -5.00
N SER A 171 -3.79 23.80 -4.74
CA SER A 171 -5.23 23.67 -4.99
C SER A 171 -6.04 24.24 -3.83
N SER A 172 -5.50 24.24 -2.62
CA SER A 172 -6.24 24.64 -1.44
C SER A 172 -5.49 25.63 -0.55
N HIS A 173 -4.29 26.05 -0.93
CA HIS A 173 -3.58 27.06 -0.16
C HIS A 173 -2.71 27.88 -1.12
N SER A 174 -2.14 28.95 -0.59
CA SER A 174 -1.34 29.88 -1.38
C SER A 174 -0.14 30.33 -0.58
N ALA A 175 0.82 30.92 -1.27
CA ALA A 175 2.06 31.37 -0.62
C ALA A 175 2.58 32.62 -1.31
N ALA A 176 3.36 33.38 -0.55
CA ALA A 176 4.06 34.55 -1.07
C ALA A 176 5.31 34.75 -0.22
N LEU A 177 6.37 35.26 -0.85
CA LEU A 177 7.60 35.52 -0.12
C LEU A 177 8.07 36.93 -0.42
N THR A 178 8.69 37.55 0.59
CA THR A 178 9.14 38.93 0.52
C THR A 178 10.52 39.01 -0.12
N SER A 179 10.95 40.26 -0.38
CA SER A 179 12.31 40.48 -0.87
C SER A 179 13.34 40.15 0.20
N SER A 180 13.01 40.38 1.47
CA SER A 180 13.91 40.03 2.56
C SER A 180 13.94 38.54 2.84
N GLY A 181 13.08 37.75 2.21
CA GLY A 181 13.15 36.31 2.30
C GLY A 181 12.17 35.65 3.23
N GLU A 182 11.25 36.41 3.83
CA GLU A 182 10.23 35.83 4.69
C GLU A 182 9.12 35.22 3.84
N LEU A 183 8.58 34.10 4.30
CA LEU A 183 7.56 33.36 3.56
C LEU A 183 6.23 33.43 4.30
N TYR A 184 5.16 33.72 3.55
CA TYR A 184 3.81 33.74 4.07
C TYR A 184 3.01 32.62 3.40
N THR A 185 2.18 31.94 4.19
CA THR A 185 1.26 30.94 3.66
C THR A 185 -0.12 31.19 4.25
N TRP A 186 -1.15 30.74 3.51
CA TRP A 186 -2.52 30.85 3.99
C TRP A 186 -3.38 29.89 3.19
N GLY A 187 -4.55 29.58 3.73
CA GLY A 187 -5.47 28.65 3.12
C GLY A 187 -5.77 27.46 4.02
N LEU A 188 -6.10 26.33 3.40
CA LEU A 188 -6.49 25.14 4.13
C LEU A 188 -5.35 24.65 5.02
N GLY A 189 -5.63 24.47 6.31
CA GLY A 189 -4.61 24.07 7.24
C GLY A 189 -4.40 22.57 7.37
N GLU A 190 -5.33 21.77 6.86
CA GLU A 190 -5.33 20.34 7.14
C GLU A 190 -4.07 19.67 6.60
N TYR A 191 -3.54 18.72 7.39
CA TYR A 191 -2.34 17.95 7.09
C TYR A 191 -1.08 18.82 7.05
N GLY A 192 -1.13 20.01 7.63
CA GLY A 192 0.06 20.78 7.92
C GLY A 192 0.72 21.49 6.76
N ARG A 193 0.00 21.72 5.67
CA ARG A 193 0.63 22.27 4.47
C ARG A 193 1.08 23.72 4.65
N LEU A 194 0.54 24.44 5.64
CA LEU A 194 0.93 25.84 5.80
C LEU A 194 2.22 26.00 6.62
N GLY A 195 2.52 25.05 7.49
CA GLY A 195 3.80 25.03 8.17
C GLY A 195 3.91 25.88 9.42
N HIS A 196 2.82 26.05 10.17
CA HIS A 196 2.82 26.89 11.36
C HIS A 196 2.78 26.09 12.65
N GLY A 197 3.01 24.78 12.60
CA GLY A 197 3.01 23.96 13.78
C GLY A 197 1.67 23.40 14.18
N ASP A 198 0.59 23.81 13.51
CA ASP A 198 -0.73 23.23 13.74
C ASP A 198 -1.35 22.87 12.40
N ASN A 199 -2.62 22.47 12.41
CA ASN A 199 -3.34 22.16 11.19
C ASN A 199 -4.52 23.11 10.99
N THR A 200 -4.41 24.32 11.53
CA THR A 200 -5.52 25.28 11.49
C THR A 200 -5.53 26.04 10.16
N THR A 201 -6.71 26.17 9.59
CA THR A 201 -6.88 26.99 8.40
C THR A 201 -6.61 28.46 8.72
N GLN A 202 -5.81 29.10 7.87
CA GLN A 202 -5.49 30.52 7.99
C GLN A 202 -6.19 31.27 6.87
N LEU A 203 -7.14 32.14 7.23
CA LEU A 203 -7.84 32.94 6.24
C LEU A 203 -7.05 34.16 5.79
N LYS A 204 -5.92 34.44 6.43
CA LYS A 204 -5.05 35.55 6.11
C LYS A 204 -3.61 35.06 6.02
N PRO A 205 -2.76 35.76 5.27
CA PRO A 205 -1.34 35.37 5.21
C PRO A 205 -0.71 35.40 6.60
N LYS A 206 0.01 34.31 6.91
CA LYS A 206 0.73 34.19 8.17
C LYS A 206 2.17 33.81 7.87
N MET A 207 3.11 34.49 8.53
CA MET A 207 4.52 34.23 8.28
C MET A 207 4.94 32.91 8.93
N VAL A 208 5.66 32.09 8.17
CA VAL A 208 6.22 30.83 8.67
C VAL A 208 7.45 31.19 9.49
N LYS A 209 7.27 31.32 10.81
CA LYS A 209 8.36 31.77 11.68
C LYS A 209 9.49 30.77 11.76
N VAL A 210 9.23 29.49 11.48
CA VAL A 210 10.28 28.47 11.54
C VAL A 210 11.39 28.79 10.54
N LEU A 211 11.04 29.34 9.39
CA LEU A 211 12.00 29.63 8.35
C LEU A 211 12.61 31.03 8.47
N LEU A 212 12.40 31.70 9.60
CA LEU A 212 13.10 32.95 9.86
C LEU A 212 14.58 32.64 10.11
N GLY A 213 15.45 33.39 9.44
CA GLY A 213 16.86 33.09 9.40
C GLY A 213 17.35 32.52 8.09
N HIS A 214 16.44 32.00 7.27
CA HIS A 214 16.70 31.63 5.90
C HIS A 214 16.02 32.62 4.97
N ARG A 215 16.71 33.03 3.91
CA ARG A 215 16.10 33.86 2.88
C ARG A 215 15.44 32.92 1.87
N VAL A 216 14.14 32.70 2.03
CA VAL A 216 13.40 31.89 1.08
C VAL A 216 13.28 32.64 -0.24
N ILE A 217 13.67 31.99 -1.33
CA ILE A 217 13.61 32.60 -2.66
C ILE A 217 12.60 31.93 -3.57
N GLN A 218 12.16 30.71 -3.27
CA GLN A 218 11.14 30.06 -4.07
C GLN A 218 10.25 29.22 -3.17
N VAL A 219 8.99 29.07 -3.60
CA VAL A 219 8.02 28.25 -2.89
C VAL A 219 7.13 27.58 -3.92
N ALA A 220 6.72 26.34 -3.62
CA ALA A 220 5.80 25.60 -4.47
C ALA A 220 4.78 24.90 -3.60
N CYS A 221 3.55 24.83 -4.08
CA CYS A 221 2.43 24.25 -3.35
C CYS A 221 1.79 23.13 -4.15
N GLY A 222 1.35 22.08 -3.46
CA GLY A 222 0.72 20.93 -4.09
C GLY A 222 -0.80 21.01 -4.06
N SER A 223 -1.42 19.89 -4.42
CA SER A 223 -2.88 19.80 -4.53
C SER A 223 -3.42 18.68 -3.65
N ARG A 224 -4.73 18.72 -3.45
CA ARG A 224 -5.47 17.73 -2.64
C ARG A 224 -4.82 17.66 -1.26
N ASP A 225 -4.49 16.49 -0.75
CA ASP A 225 -3.68 16.39 0.46
C ASP A 225 -2.26 16.81 0.09
N ALA A 226 -1.95 18.08 0.30
CA ALA A 226 -0.86 18.75 -0.39
C ALA A 226 0.40 18.85 0.47
N GLN A 227 1.54 18.88 -0.21
CA GLN A 227 2.81 19.28 0.37
C GLN A 227 3.12 20.72 -0.02
N THR A 228 4.14 21.27 0.62
CA THR A 228 4.66 22.58 0.27
C THR A 228 6.18 22.50 0.26
N LEU A 229 6.80 23.13 -0.74
CA LEU A 229 8.24 23.18 -0.87
C LEU A 229 8.74 24.61 -0.77
N ALA A 230 9.93 24.77 -0.21
CA ALA A 230 10.56 26.09 -0.11
C ALA A 230 12.05 25.94 -0.40
N LEU A 231 12.60 26.96 -1.04
CA LEU A 231 14.00 26.98 -1.44
C LEU A 231 14.65 28.27 -0.92
N THR A 232 15.84 28.14 -0.34
CA THR A 232 16.58 29.25 0.21
C THR A 232 17.74 29.63 -0.70
N ASP A 233 18.28 30.83 -0.48
CA ASP A 233 19.40 31.31 -1.30
C ASP A 233 20.70 30.58 -1.00
N GLU A 234 20.72 29.68 -0.02
CA GLU A 234 21.85 28.81 0.22
C GLU A 234 21.71 27.46 -0.48
N GLY A 235 20.66 27.27 -1.26
CA GLY A 235 20.41 26.00 -1.92
C GLY A 235 19.69 24.97 -1.08
N LEU A 236 19.17 25.35 0.08
CA LEU A 236 18.48 24.41 0.95
C LEU A 236 17.02 24.27 0.53
N VAL A 237 16.54 23.03 0.47
CA VAL A 237 15.15 22.74 0.13
C VAL A 237 14.45 22.25 1.39
N PHE A 238 13.31 22.85 1.70
CA PHE A 238 12.48 22.44 2.81
C PHE A 238 11.13 21.96 2.29
N SER A 239 10.49 21.09 3.08
CA SER A 239 9.18 20.57 2.70
C SER A 239 8.37 20.32 3.96
N TRP A 240 7.05 20.42 3.81
CA TRP A 240 6.14 20.12 4.91
C TRP A 240 4.75 19.89 4.33
N GLY A 241 3.84 19.44 5.19
CA GLY A 241 2.50 19.13 4.75
C GLY A 241 2.21 17.64 4.68
N ASP A 242 1.39 17.24 3.72
CA ASP A 242 0.97 15.84 3.65
C ASP A 242 2.11 14.96 3.16
N GLY A 243 2.25 13.80 3.80
CA GLY A 243 3.34 12.89 3.55
C GLY A 243 3.06 11.71 2.64
N ASP A 244 1.82 11.56 2.16
CA ASP A 244 1.46 10.42 1.31
C ASP A 244 2.43 10.27 0.15
N PHE A 245 2.75 9.02 -0.17
CA PHE A 245 3.57 8.63 -1.32
C PHE A 245 4.97 9.21 -1.29
N GLY A 246 5.41 9.73 -0.14
CA GLY A 246 6.78 10.19 0.00
C GLY A 246 7.08 11.52 -0.66
N LYS A 247 6.07 12.33 -0.95
CA LYS A 247 6.33 13.57 -1.68
C LYS A 247 7.07 14.61 -0.84
N LEU A 248 7.23 14.38 0.46
CA LEU A 248 8.06 15.26 1.28
C LEU A 248 9.56 14.98 1.10
N GLY A 249 9.91 13.85 0.50
CA GLY A 249 11.29 13.57 0.15
C GLY A 249 12.17 13.05 1.26
N ARG A 250 11.60 12.69 2.41
CA ARG A 250 12.38 12.21 3.54
C ARG A 250 12.01 10.79 3.92
N GLY A 251 11.56 10.00 2.95
CA GLY A 251 11.26 8.61 3.17
C GLY A 251 9.90 8.40 3.85
N GLY A 252 9.39 7.18 3.68
CA GLY A 252 8.15 6.81 4.35
C GLY A 252 6.97 7.62 3.85
N SER A 253 6.05 7.93 4.78
CA SER A 253 4.82 8.62 4.38
C SER A 253 4.27 9.51 5.49
N GLU A 254 5.07 9.89 6.48
CA GLU A 254 4.57 10.69 7.59
C GLU A 254 4.55 12.17 7.21
N GLY A 255 3.43 12.82 7.46
CA GLY A 255 3.32 14.24 7.24
C GLY A 255 3.90 15.04 8.39
N CYS A 256 3.88 16.37 8.22
CA CYS A 256 4.37 17.27 9.24
C CYS A 256 3.83 18.67 8.97
N ASN A 257 3.75 19.47 10.02
CA ASN A 257 3.28 20.84 9.92
C ASN A 257 4.38 21.85 10.24
N ILE A 258 5.64 21.44 10.18
CA ILE A 258 6.77 22.33 10.39
C ILE A 258 7.77 22.07 9.27
N PRO A 259 8.31 23.12 8.64
CA PRO A 259 9.27 22.90 7.54
C PRO A 259 10.45 22.04 7.98
N GLN A 260 10.75 21.01 7.19
CA GLN A 260 11.88 20.12 7.43
C GLN A 260 12.79 20.13 6.21
N ASN A 261 14.09 20.12 6.46
CA ASN A 261 15.07 20.15 5.38
C ASN A 261 15.09 18.80 4.65
N ILE A 262 15.12 18.86 3.33
CA ILE A 262 15.31 17.65 2.50
C ILE A 262 16.82 17.50 2.34
N GLU A 263 17.42 16.67 3.20
CA GLU A 263 18.87 16.58 3.27
C GLU A 263 19.48 16.07 1.97
N ARG A 264 18.76 15.23 1.23
CA ARG A 264 19.32 14.65 0.01
C ARG A 264 19.66 15.71 -1.02
N LEU A 265 18.94 16.82 -1.04
CA LEU A 265 19.15 17.87 -2.03
C LEU A 265 20.17 18.92 -1.59
N ASN A 266 20.75 18.78 -0.40
CA ASN A 266 21.74 19.75 0.07
C ASN A 266 22.98 19.69 -0.81
N GLY A 267 23.46 20.86 -1.23
CA GLY A 267 24.64 20.95 -2.04
C GLY A 267 24.46 20.65 -3.51
N GLN A 268 23.23 20.39 -3.95
CA GLN A 268 22.97 20.06 -5.36
C GLN A 268 22.79 21.29 -6.23
N GLY A 269 22.57 22.45 -5.65
CA GLY A 269 22.36 23.66 -6.44
C GLY A 269 20.95 23.81 -6.97
N VAL A 270 19.95 23.40 -6.19
CA VAL A 270 18.56 23.52 -6.62
C VAL A 270 18.22 24.98 -6.88
N CYS A 271 17.68 25.26 -8.06
CA CYS A 271 17.27 26.60 -8.42
C CYS A 271 15.80 26.72 -8.80
N GLN A 272 15.07 25.61 -8.92
CA GLN A 272 13.64 25.66 -9.20
C GLN A 272 12.96 24.47 -8.56
N ILE A 273 11.80 24.70 -7.96
CA ILE A 273 11.01 23.66 -7.32
C ILE A 273 9.56 23.78 -7.81
N GLU A 274 8.91 22.64 -8.01
CA GLU A 274 7.52 22.60 -8.44
C GLU A 274 6.81 21.46 -7.75
N CYS A 275 5.49 21.53 -7.74
CA CYS A 275 4.64 20.50 -7.16
C CYS A 275 3.55 20.14 -8.16
N GLY A 276 3.56 18.89 -8.60
CA GLY A 276 2.46 18.34 -9.38
C GLY A 276 1.37 17.80 -8.50
N ALA A 277 0.65 16.81 -9.00
CA ALA A 277 -0.34 16.11 -8.21
C ALA A 277 0.35 15.00 -7.43
N GLN A 278 0.53 15.21 -6.13
CA GLN A 278 1.10 14.23 -5.20
C GLN A 278 2.57 13.92 -5.49
N PHE A 279 3.27 14.78 -6.21
CA PHE A 279 4.68 14.56 -6.45
C PHE A 279 5.41 15.89 -6.52
N SER A 280 6.73 15.83 -6.35
CA SER A 280 7.56 17.02 -6.27
C SER A 280 8.69 16.91 -7.29
N LEU A 281 9.19 18.07 -7.72
CA LEU A 281 10.23 18.14 -8.72
C LEU A 281 11.19 19.28 -8.40
N ALA A 282 12.48 19.02 -8.62
CA ALA A 282 13.51 20.03 -8.43
C ALA A 282 14.44 20.01 -9.65
N LEU A 283 14.94 21.20 -9.99
CA LEU A 283 15.93 21.36 -11.05
C LEU A 283 17.11 22.14 -10.50
N THR A 284 18.32 21.71 -10.84
CA THR A 284 19.53 22.33 -10.32
C THR A 284 20.16 23.24 -11.37
N LYS A 285 21.09 24.08 -10.90
CA LYS A 285 21.77 25.01 -11.78
C LYS A 285 22.52 24.29 -12.89
N SER A 286 23.05 23.11 -12.60
CA SER A 286 23.79 22.35 -13.61
C SER A 286 22.89 21.56 -14.55
N GLY A 287 21.57 21.67 -14.41
CA GLY A 287 20.65 21.05 -15.35
C GLY A 287 20.11 19.69 -14.95
N VAL A 288 20.31 19.27 -13.71
CA VAL A 288 19.82 18.00 -13.21
C VAL A 288 18.40 18.18 -12.70
N VAL A 289 17.55 17.18 -12.95
CA VAL A 289 16.16 17.17 -12.50
C VAL A 289 15.97 16.02 -11.52
N TRP A 290 15.39 16.31 -10.36
CA TRP A 290 15.04 15.31 -9.36
C TRP A 290 13.52 15.25 -9.22
N THR A 291 12.99 14.05 -9.04
CA THR A 291 11.56 13.87 -8.79
C THR A 291 11.36 12.88 -7.64
N TRP A 292 10.22 13.01 -6.96
CA TRP A 292 9.86 12.08 -5.90
C TRP A 292 8.38 12.24 -5.57
N GLY A 293 7.79 11.18 -5.03
CA GLY A 293 6.38 11.20 -4.71
C GLY A 293 5.59 10.06 -5.31
N LYS A 294 4.32 10.31 -5.61
CA LYS A 294 3.45 9.29 -6.18
C LYS A 294 3.92 8.91 -7.57
N GLY A 295 3.99 7.61 -7.85
CA GLY A 295 4.54 7.13 -9.10
C GLY A 295 3.51 6.74 -10.15
N ASP A 296 2.25 6.63 -9.73
CA ASP A 296 1.19 6.15 -10.63
C ASP A 296 1.17 6.92 -11.94
N TYR A 297 1.04 6.18 -13.03
CA TYR A 297 0.97 6.72 -14.39
C TYR A 297 2.24 7.44 -14.80
N PHE A 298 3.36 7.11 -14.15
CA PHE A 298 4.71 7.43 -14.62
C PHE A 298 5.02 8.91 -14.59
N ARG A 299 4.37 9.66 -13.69
CA ARG A 299 4.61 11.09 -13.58
C ARG A 299 6.02 11.42 -13.10
N LEU A 300 6.72 10.46 -12.49
CA LEU A 300 8.04 10.74 -11.94
C LEU A 300 9.14 10.66 -13.00
N GLY A 301 8.94 9.87 -14.06
CA GLY A 301 9.89 9.83 -15.15
C GLY A 301 11.05 8.88 -14.96
N HIS A 302 10.93 7.90 -14.07
CA HIS A 302 12.00 6.94 -13.82
C HIS A 302 11.78 5.63 -14.56
N GLY A 303 10.77 5.56 -15.43
CA GLY A 303 10.51 4.37 -16.22
C GLY A 303 9.48 3.43 -15.62
N SER A 304 9.28 3.48 -14.31
CA SER A 304 8.30 2.66 -13.62
C SER A 304 7.24 3.56 -12.99
N ASP A 305 6.18 2.94 -12.48
CA ASP A 305 5.10 3.66 -11.82
C ASP A 305 5.08 3.45 -10.31
N VAL A 306 6.19 3.01 -9.74
CA VAL A 306 6.28 2.85 -8.29
C VAL A 306 6.54 4.21 -7.64
N HIS A 307 6.24 4.31 -6.35
CA HIS A 307 6.48 5.55 -5.63
C HIS A 307 7.97 5.70 -5.32
N VAL A 308 8.37 6.96 -5.10
CA VAL A 308 9.76 7.31 -4.86
C VAL A 308 9.78 8.28 -3.68
N ARG A 309 10.24 7.81 -2.53
CA ARG A 309 10.02 8.51 -1.27
C ARG A 309 11.20 9.40 -0.86
N LYS A 310 12.25 9.46 -1.66
CA LYS A 310 13.33 10.41 -1.52
C LYS A 310 13.74 10.85 -2.91
N PRO A 311 14.16 12.11 -3.08
CA PRO A 311 14.42 12.63 -4.42
C PRO A 311 15.41 11.76 -5.19
N GLN A 312 15.09 11.50 -6.46
CA GLN A 312 15.93 10.69 -7.34
C GLN A 312 16.14 11.42 -8.66
N VAL A 313 17.38 11.42 -9.14
CA VAL A 313 17.69 12.03 -10.42
C VAL A 313 16.94 11.31 -11.53
N VAL A 314 16.34 12.08 -12.44
CA VAL A 314 15.68 11.52 -13.62
C VAL A 314 16.79 11.15 -14.60
N GLU A 315 17.14 9.87 -14.65
CA GLU A 315 18.30 9.43 -15.43
C GLU A 315 18.10 9.66 -16.92
N GLY A 316 16.85 9.63 -17.40
CA GLY A 316 16.58 9.84 -18.81
C GLY A 316 16.99 11.19 -19.34
N LEU A 317 17.34 12.13 -18.47
CA LEU A 317 17.77 13.46 -18.87
C LEU A 317 19.24 13.72 -18.58
N ARG A 318 19.97 12.75 -18.05
CA ARG A 318 21.37 12.95 -17.75
C ARG A 318 22.16 13.28 -19.02
N GLY A 319 23.12 14.19 -18.88
CA GLY A 319 23.85 14.71 -20.02
C GLY A 319 23.15 15.83 -20.75
N LYS A 320 21.86 16.04 -20.52
CA LYS A 320 21.12 17.15 -21.10
C LYS A 320 20.99 18.25 -20.06
N LYS A 321 21.47 19.45 -20.38
CA LYS A 321 21.39 20.57 -19.44
C LYS A 321 20.01 21.19 -19.53
N ILE A 322 19.15 20.84 -18.57
CA ILE A 322 17.80 21.37 -18.51
C ILE A 322 17.84 22.77 -17.93
N VAL A 323 17.17 23.71 -18.59
CA VAL A 323 17.15 25.10 -18.15
C VAL A 323 15.80 25.51 -17.58
N HIS A 324 14.72 24.83 -17.91
CA HIS A 324 13.41 25.14 -17.35
C HIS A 324 12.58 23.87 -17.31
N VAL A 325 11.65 23.82 -16.34
CA VAL A 325 10.78 22.67 -16.14
C VAL A 325 9.38 23.16 -15.80
N ALA A 326 8.40 22.32 -16.08
CA ALA A 326 7.02 22.55 -15.70
C ALA A 326 6.37 21.22 -15.34
N VAL A 327 5.42 21.26 -14.42
CA VAL A 327 4.71 20.07 -13.99
C VAL A 327 3.21 20.30 -14.15
N GLY A 328 2.52 19.28 -14.64
CA GLY A 328 1.08 19.23 -14.62
C GLY A 328 0.59 18.35 -13.50
N ALA A 329 -0.61 17.79 -13.69
CA ALA A 329 -1.12 16.84 -12.71
C ALA A 329 -0.32 15.54 -12.78
N LEU A 330 -0.24 14.93 -13.96
CA LEU A 330 0.43 13.65 -14.14
C LEU A 330 1.54 13.70 -15.20
N HIS A 331 1.97 14.90 -15.62
CA HIS A 331 2.99 15.02 -16.66
C HIS A 331 3.96 16.14 -16.31
N CYS A 332 5.14 16.07 -16.93
CA CYS A 332 6.18 17.08 -16.76
C CYS A 332 6.76 17.44 -18.12
N LEU A 333 7.34 18.64 -18.18
CA LEU A 333 8.06 19.13 -19.35
C LEU A 333 9.41 19.69 -18.91
N ALA A 334 10.43 19.48 -19.74
CA ALA A 334 11.77 19.98 -19.45
C ALA A 334 12.41 20.48 -20.73
N VAL A 335 13.04 21.66 -20.66
CA VAL A 335 13.66 22.30 -21.83
C VAL A 335 15.16 22.24 -21.68
N THR A 336 15.84 21.77 -22.72
CA THR A 336 17.29 21.81 -22.77
C THR A 336 17.78 23.21 -23.14
N ASP A 337 19.05 23.46 -22.87
CA ASP A 337 19.65 24.74 -23.24
C ASP A 337 19.67 24.96 -24.75
N SER A 338 19.52 23.89 -25.54
CA SER A 338 19.50 23.98 -26.99
C SER A 338 18.08 24.06 -27.55
N GLY A 339 17.08 24.20 -26.70
CA GLY A 339 15.73 24.46 -27.14
C GLY A 339 14.86 23.24 -27.37
N GLN A 340 15.26 22.07 -26.90
CA GLN A 340 14.46 20.87 -27.05
C GLN A 340 13.58 20.65 -25.83
N VAL A 341 12.39 20.13 -26.05
CA VAL A 341 11.40 19.88 -25.01
C VAL A 341 11.26 18.38 -24.82
N TYR A 342 11.43 17.92 -23.60
CA TYR A 342 11.23 16.52 -23.23
C TYR A 342 10.01 16.42 -22.32
N ALA A 343 9.24 15.35 -22.51
CA ALA A 343 8.02 15.13 -21.73
C ALA A 343 7.99 13.71 -21.20
N TRP A 344 7.36 13.55 -20.04
CA TRP A 344 7.08 12.22 -19.50
C TRP A 344 5.79 12.28 -18.71
N GLY A 345 5.18 11.11 -18.53
CA GLY A 345 3.97 10.98 -17.75
C GLY A 345 2.77 10.58 -18.57
N ASP A 346 1.60 10.82 -18.00
CA ASP A 346 0.34 10.34 -18.58
C ASP A 346 0.00 11.07 -19.87
N ASN A 347 -0.81 10.41 -20.71
CA ASN A 347 -1.11 10.91 -22.04
C ASN A 347 -2.56 10.66 -22.44
N ASP A 348 -3.48 10.64 -21.47
CA ASP A 348 -4.87 10.37 -21.80
C ASP A 348 -5.45 11.41 -22.74
N HIS A 349 -4.90 12.62 -22.74
CA HIS A 349 -5.43 13.73 -23.53
C HIS A 349 -4.40 14.29 -24.51
N GLY A 350 -3.33 13.55 -24.78
CA GLY A 350 -2.32 14.01 -25.72
C GLY A 350 -1.33 15.00 -25.14
N GLN A 351 -1.32 15.22 -23.83
CA GLN A 351 -0.47 16.23 -23.22
C GLN A 351 1.01 15.89 -23.31
N GLN A 352 1.38 14.67 -23.72
CA GLN A 352 2.79 14.36 -23.91
C GLN A 352 3.36 14.96 -25.19
N GLY A 353 2.51 15.22 -26.18
CA GLY A 353 3.00 15.71 -27.46
C GLY A 353 3.82 14.71 -28.23
N ASN A 354 3.50 13.42 -28.12
CA ASN A 354 4.13 12.39 -28.95
C ASN A 354 3.22 11.94 -30.09
N GLY A 355 2.16 12.68 -30.37
CA GLY A 355 1.25 12.36 -31.45
C GLY A 355 0.27 11.25 -31.16
N THR A 356 0.26 10.72 -29.94
CA THR A 356 -0.60 9.60 -29.57
C THR A 356 -1.25 9.91 -28.23
N THR A 357 -1.93 8.91 -27.67
CA THR A 357 -2.37 8.93 -26.28
C THR A 357 -1.59 7.95 -25.43
N THR A 358 -0.40 7.57 -25.87
CA THR A 358 0.41 6.58 -25.16
C THR A 358 1.30 7.27 -24.14
N VAL A 359 1.34 6.71 -22.93
CA VAL A 359 2.16 7.26 -21.86
C VAL A 359 3.64 7.25 -22.27
N ASN A 360 4.36 8.29 -21.85
CA ASN A 360 5.82 8.31 -21.91
C ASN A 360 6.33 7.87 -20.54
N ARG A 361 6.78 6.62 -20.44
CA ARG A 361 7.32 6.13 -19.18
C ARG A 361 8.66 6.79 -18.83
N LYS A 362 9.34 7.35 -19.83
CA LYS A 362 10.63 8.00 -19.64
C LYS A 362 10.62 9.30 -20.42
N PRO A 363 11.52 10.23 -20.11
CA PRO A 363 11.55 11.51 -20.83
C PRO A 363 11.72 11.31 -22.32
N THR A 364 10.82 11.92 -23.10
CA THR A 364 10.74 11.69 -24.53
C THR A 364 10.69 13.02 -25.27
N LEU A 365 11.45 13.11 -26.35
CA LEU A 365 11.48 14.32 -27.15
C LEU A 365 10.09 14.60 -27.72
N VAL A 366 9.65 15.85 -27.58
CA VAL A 366 8.33 16.27 -28.05
C VAL A 366 8.38 16.52 -29.55
N GLN A 367 7.29 16.19 -30.24
CA GLN A 367 7.17 16.36 -31.68
C GLN A 367 7.01 17.83 -32.07
N GLY A 368 7.29 18.10 -33.35
CA GLY A 368 6.81 19.30 -34.01
C GLY A 368 7.42 20.61 -33.57
N LEU A 369 8.50 20.60 -32.80
CA LEU A 369 9.13 21.83 -32.34
C LEU A 369 10.51 22.05 -32.95
N GLU A 370 10.97 21.18 -33.84
CA GLU A 370 12.29 21.33 -34.42
C GLU A 370 12.38 22.63 -35.20
N GLY A 371 13.45 23.39 -34.97
CA GLY A 371 13.58 24.72 -35.51
C GLY A 371 13.02 25.81 -34.62
N GLN A 372 12.23 25.45 -33.60
CA GLN A 372 11.71 26.39 -32.63
C GLN A 372 12.55 26.26 -31.35
N LYS A 373 13.36 27.28 -31.08
CA LYS A 373 14.24 27.25 -29.92
C LYS A 373 13.44 27.64 -28.69
N ILE A 374 12.86 26.63 -28.04
CA ILE A 374 12.03 26.85 -26.86
C ILE A 374 12.90 27.22 -25.68
N THR A 375 12.46 28.20 -24.90
CA THR A 375 13.14 28.58 -23.67
C THR A 375 12.32 28.37 -22.41
N ARG A 376 11.00 28.18 -22.53
CA ARG A 376 10.12 28.10 -21.38
C ARG A 376 8.98 27.15 -21.68
N VAL A 377 8.54 26.42 -20.64
CA VAL A 377 7.38 25.54 -20.73
C VAL A 377 6.44 25.83 -19.59
N ALA A 378 5.19 25.42 -19.77
CA ALA A 378 4.17 25.53 -18.74
C ALA A 378 3.20 24.36 -18.89
N CYS A 379 2.50 24.06 -17.80
CA CYS A 379 1.54 22.96 -17.79
C CYS A 379 0.29 23.39 -17.04
N GLY A 380 -0.85 22.96 -17.54
CA GLY A 380 -2.09 22.93 -16.79
C GLY A 380 -2.36 21.53 -16.28
N SER A 381 -3.63 21.30 -15.89
CA SER A 381 -4.01 20.00 -15.37
C SER A 381 -3.72 18.89 -16.39
N SER A 382 -4.11 19.11 -17.65
CA SER A 382 -3.92 18.09 -18.67
C SER A 382 -3.46 18.68 -20.00
N HIS A 383 -2.83 19.86 -19.99
CA HIS A 383 -2.37 20.50 -21.22
C HIS A 383 -0.96 21.03 -21.00
N SER A 384 -0.31 21.39 -22.11
CA SER A 384 1.10 21.74 -22.11
C SER A 384 1.32 22.97 -22.98
N VAL A 385 2.35 23.74 -22.62
CA VAL A 385 2.70 24.96 -23.35
C VAL A 385 4.22 25.02 -23.48
N ALA A 386 4.67 25.54 -24.63
CA ALA A 386 6.08 25.86 -24.85
C ALA A 386 6.15 27.15 -25.65
N TRP A 387 7.11 28.01 -25.32
CA TRP A 387 7.25 29.25 -26.08
C TRP A 387 8.71 29.68 -26.12
N THR A 388 9.00 30.58 -27.05
CA THR A 388 10.34 31.03 -27.35
C THR A 388 10.53 32.49 -26.93
N THR A 389 11.79 32.89 -26.80
CA THR A 389 12.15 34.29 -26.56
C THR A 389 13.41 34.62 -27.35
N ARG B 21 -18.14 12.46 -1.64
CA ARG B 21 -18.17 12.74 -0.18
C ARG B 21 -17.48 11.60 0.58
N THR B 22 -17.84 10.34 0.32
CA THR B 22 -17.30 9.20 1.12
C THR B 22 -16.75 8.08 0.24
N LYS B 23 -15.53 7.62 0.51
CA LYS B 23 -14.95 6.47 -0.24
C LYS B 23 -14.93 5.24 0.69
N VAL B 24 -15.52 4.13 0.27
CA VAL B 24 -15.66 2.97 1.15
C VAL B 24 -14.81 1.83 0.60
N PHE B 25 -14.13 1.13 1.52
CA PHE B 25 -13.32 -0.04 1.19
C PHE B 25 -13.78 -1.21 2.05
N VAL B 26 -13.83 -2.39 1.43
CA VAL B 26 -14.31 -3.60 2.09
C VAL B 26 -13.33 -4.74 1.85
N TRP B 27 -13.30 -5.69 2.78
CA TRP B 27 -12.50 -6.90 2.61
C TRP B 27 -12.99 -7.95 3.61
N GLY B 28 -12.49 -9.17 3.45
CA GLY B 28 -12.91 -10.27 4.29
C GLY B 28 -13.81 -11.27 3.58
N LEU B 29 -14.65 -11.97 4.33
CA LEU B 29 -15.51 -12.99 3.77
C LEU B 29 -16.55 -12.38 2.83
N ASN B 30 -16.82 -13.09 1.73
CA ASN B 30 -17.74 -12.60 0.71
C ASN B 30 -18.53 -13.75 0.08
N ASP B 31 -18.71 -14.85 0.83
CA ASP B 31 -19.34 -16.03 0.25
C ASP B 31 -20.82 -15.82 -0.04
N LYS B 32 -21.49 -14.94 0.72
CA LYS B 32 -22.86 -14.55 0.44
C LYS B 32 -22.93 -13.12 -0.08
N ASP B 33 -21.87 -12.67 -0.74
CA ASP B 33 -21.80 -11.32 -1.32
C ASP B 33 -22.07 -10.24 -0.29
N GLN B 34 -21.65 -10.47 0.96
CA GLN B 34 -21.88 -9.49 2.00
C GLN B 34 -21.02 -8.24 1.84
N LEU B 35 -20.08 -8.23 0.91
CA LEU B 35 -19.28 -7.05 0.64
C LEU B 35 -19.90 -6.14 -0.42
N GLY B 36 -20.99 -6.56 -1.04
CA GLY B 36 -21.79 -5.67 -1.86
C GLY B 36 -21.42 -5.57 -3.32
N GLY B 37 -20.67 -6.53 -3.87
CA GLY B 37 -20.44 -6.53 -5.31
C GLY B 37 -19.01 -6.78 -5.75
N LEU B 38 -18.32 -7.69 -5.07
CA LEU B 38 -16.94 -8.04 -5.42
C LEU B 38 -16.86 -9.51 -5.79
N LYS B 39 -15.86 -9.82 -6.62
CA LYS B 39 -15.63 -11.18 -7.10
C LYS B 39 -14.71 -11.92 -6.13
N GLY B 40 -15.10 -13.14 -5.76
CA GLY B 40 -14.31 -13.95 -4.87
C GLY B 40 -14.96 -14.07 -3.49
N SER B 41 -14.59 -15.15 -2.80
CA SER B 41 -15.16 -15.43 -1.48
C SER B 41 -14.29 -14.92 -0.33
N LYS B 42 -12.99 -14.75 -0.56
CA LYS B 42 -12.05 -14.26 0.46
C LYS B 42 -11.33 -13.05 -0.11
N ILE B 43 -11.75 -11.85 0.31
CA ILE B 43 -11.12 -10.61 -0.13
C ILE B 43 -10.05 -10.26 0.89
N LYS B 44 -8.79 -10.53 0.55
CA LYS B 44 -7.68 -10.38 1.48
C LYS B 44 -7.07 -8.99 1.48
N VAL B 45 -7.44 -8.12 0.54
CA VAL B 45 -6.89 -6.77 0.46
C VAL B 45 -8.05 -5.79 0.46
N PRO B 46 -7.96 -4.67 1.17
CA PRO B 46 -9.02 -3.66 1.10
C PRO B 46 -9.32 -3.28 -0.35
N SER B 47 -10.60 -3.35 -0.70
CA SER B 47 -11.02 -3.15 -2.08
C SER B 47 -12.09 -2.06 -2.13
N PHE B 48 -11.92 -1.13 -3.05
CA PHE B 48 -12.88 -0.04 -3.21
C PHE B 48 -14.26 -0.59 -3.55
N SER B 49 -15.26 -0.11 -2.83
CA SER B 49 -16.65 -0.53 -3.03
C SER B 49 -17.36 0.55 -3.82
N GLU B 50 -17.64 0.27 -5.10
CA GLU B 50 -18.36 1.24 -5.93
C GLU B 50 -19.77 1.46 -5.42
N THR B 51 -20.48 0.37 -5.11
CA THR B 51 -21.87 0.48 -4.68
C THR B 51 -21.99 1.23 -3.36
N LEU B 52 -21.13 0.91 -2.39
CA LEU B 52 -21.21 1.56 -1.09
C LEU B 52 -20.72 3.00 -1.13
N SER B 53 -19.67 3.27 -1.90
CA SER B 53 -19.17 4.63 -1.99
C SER B 53 -20.20 5.57 -2.61
N ALA B 54 -21.08 5.03 -3.46
CA ALA B 54 -22.06 5.86 -4.16
C ALA B 54 -23.20 6.32 -3.27
N LEU B 55 -23.26 5.85 -2.03
CA LEU B 55 -24.40 6.13 -1.16
C LEU B 55 -24.15 7.28 -0.21
N ASN B 56 -22.93 7.82 -0.14
CA ASN B 56 -22.57 8.83 0.86
C ASN B 56 -22.93 8.35 2.26
N VAL B 57 -22.26 7.27 2.67
CA VAL B 57 -22.58 6.63 3.94
C VAL B 57 -22.15 7.52 5.09
N VAL B 58 -22.96 7.53 6.16
CA VAL B 58 -22.56 8.12 7.42
C VAL B 58 -22.28 7.07 8.48
N GLN B 59 -22.83 5.87 8.35
CA GLN B 59 -22.59 4.78 9.27
C GLN B 59 -22.71 3.46 8.52
N VAL B 60 -21.86 2.50 8.86
CA VAL B 60 -21.92 1.14 8.33
C VAL B 60 -21.81 0.18 9.50
N ALA B 61 -22.56 -0.92 9.45
CA ALA B 61 -22.51 -1.94 10.49
C ALA B 61 -22.61 -3.30 9.83
N GLY B 62 -21.90 -4.27 10.40
CA GLY B 62 -21.85 -5.61 9.87
C GLY B 62 -22.44 -6.62 10.86
N GLY B 63 -23.32 -7.47 10.33
CA GLY B 63 -23.85 -8.58 11.08
C GLY B 63 -23.25 -9.89 10.64
N SER B 64 -23.98 -10.97 10.91
CA SER B 64 -23.55 -12.30 10.48
C SER B 64 -23.69 -12.42 8.97
N LYS B 65 -22.57 -12.30 8.26
CA LYS B 65 -22.54 -12.37 6.80
C LYS B 65 -23.49 -11.36 6.18
N SER B 66 -23.57 -10.18 6.79
CA SER B 66 -24.47 -9.13 6.34
C SER B 66 -23.79 -7.78 6.50
N LEU B 67 -24.33 -6.78 5.80
CA LEU B 67 -23.81 -5.43 5.84
C LEU B 67 -24.96 -4.43 5.75
N PHE B 68 -24.92 -3.39 6.58
CA PHE B 68 -25.91 -2.33 6.58
C PHE B 68 -25.22 -0.99 6.45
N ALA B 69 -25.82 -0.09 5.69
CA ALA B 69 -25.27 1.24 5.47
C ALA B 69 -26.39 2.27 5.63
N VAL B 70 -26.09 3.34 6.36
CA VAL B 70 -27.00 4.46 6.54
C VAL B 70 -26.43 5.64 5.76
N THR B 71 -27.28 6.33 4.99
CA THR B 71 -26.84 7.42 4.15
C THR B 71 -27.03 8.76 4.86
N VAL B 72 -26.44 9.81 4.27
CA VAL B 72 -26.55 11.15 4.82
C VAL B 72 -27.98 11.66 4.76
N GLU B 73 -28.78 11.12 3.85
CA GLU B 73 -30.20 11.46 3.78
C GLU B 73 -31.06 10.60 4.71
N GLY B 74 -30.47 9.66 5.44
CA GLY B 74 -31.21 8.86 6.37
C GLY B 74 -31.80 7.58 5.82
N LYS B 75 -31.38 7.16 4.64
CA LYS B 75 -31.84 5.89 4.07
C LYS B 75 -30.91 4.76 4.50
N VAL B 76 -31.44 3.54 4.49
CA VAL B 76 -30.72 2.36 4.92
C VAL B 76 -30.67 1.36 3.77
N TYR B 77 -29.49 0.78 3.56
CA TYR B 77 -29.29 -0.28 2.57
C TYR B 77 -28.70 -1.50 3.27
N ALA B 78 -28.98 -2.68 2.71
CA ALA B 78 -28.50 -3.94 3.27
C ALA B 78 -28.09 -4.87 2.14
N CYS B 79 -27.20 -5.80 2.47
CA CYS B 79 -26.76 -6.81 1.52
C CYS B 79 -26.12 -7.97 2.27
N GLY B 80 -26.06 -9.13 1.61
CA GLY B 80 -25.47 -10.31 2.18
C GLY B 80 -26.48 -11.43 2.31
N GLU B 81 -26.28 -12.27 3.33
CA GLU B 81 -27.17 -13.40 3.56
C GLU B 81 -28.52 -12.91 4.08
N ALA B 82 -29.60 -13.42 3.48
CA ALA B 82 -30.95 -12.98 3.81
C ALA B 82 -31.67 -13.93 4.76
N THR B 83 -31.05 -15.05 5.14
CA THR B 83 -31.68 -16.02 6.03
C THR B 83 -32.17 -15.35 7.30
N ASN B 84 -33.31 -15.83 7.80
CA ASN B 84 -33.98 -15.36 9.02
C ASN B 84 -34.53 -13.96 8.88
N GLY B 85 -34.61 -13.41 7.67
CA GLY B 85 -35.04 -12.04 7.49
C GLY B 85 -34.09 -11.00 8.05
N ARG B 86 -32.82 -11.36 8.25
CA ARG B 86 -31.88 -10.47 8.93
C ARG B 86 -31.62 -9.17 8.18
N LEU B 87 -31.87 -9.14 6.87
CA LEU B 87 -31.61 -7.93 6.09
C LEU B 87 -32.76 -6.93 6.13
N GLY B 88 -33.96 -7.38 6.46
CA GLY B 88 -35.10 -6.47 6.51
C GLY B 88 -35.67 -6.09 5.17
N LEU B 89 -35.48 -6.92 4.13
CA LEU B 89 -35.91 -6.62 2.78
C LEU B 89 -37.13 -7.43 2.36
N GLY B 90 -37.90 -7.95 3.31
CA GLY B 90 -39.11 -8.67 2.98
C GLY B 90 -38.92 -10.11 2.54
N ILE B 91 -37.73 -10.68 2.75
CA ILE B 91 -37.44 -12.05 2.37
C ILE B 91 -36.78 -12.76 3.55
N SER B 92 -36.70 -14.08 3.45
CA SER B 92 -36.16 -14.87 4.54
C SER B 92 -35.19 -15.95 4.05
N SER B 93 -34.72 -15.86 2.81
CA SER B 93 -33.75 -16.82 2.29
C SER B 93 -33.03 -16.20 1.11
N GLY B 94 -31.87 -16.76 0.79
CA GLY B 94 -31.06 -16.30 -0.32
C GLY B 94 -29.99 -15.32 0.09
N THR B 95 -29.45 -14.64 -0.92
CA THR B 95 -28.48 -13.57 -0.73
C THR B 95 -28.92 -12.35 -1.55
N VAL B 96 -28.52 -11.17 -1.08
CA VAL B 96 -28.71 -9.92 -1.79
C VAL B 96 -27.34 -9.35 -2.12
N PRO B 97 -26.88 -9.50 -3.38
CA PRO B 97 -25.48 -9.18 -3.68
C PRO B 97 -25.17 -7.70 -3.86
N ILE B 98 -26.16 -6.82 -3.80
CA ILE B 98 -25.95 -5.39 -3.96
C ILE B 98 -26.55 -4.70 -2.74
N PRO B 99 -26.01 -3.56 -2.28
CA PRO B 99 -26.72 -2.80 -1.26
C PRO B 99 -28.11 -2.38 -1.71
N ARG B 100 -29.13 -2.96 -1.10
CA ARG B 100 -30.52 -2.73 -1.47
C ARG B 100 -31.24 -1.96 -0.36
N GLN B 101 -32.05 -0.98 -0.76
CA GLN B 101 -32.66 -0.09 0.22
C GLN B 101 -33.77 -0.78 1.00
N ILE B 102 -33.78 -0.55 2.32
CA ILE B 102 -34.89 -0.94 3.17
C ILE B 102 -36.02 0.06 2.94
N THR B 103 -36.88 -0.23 1.96
CA THR B 103 -37.95 0.70 1.61
C THR B 103 -38.99 0.84 2.72
N ALA B 104 -39.10 -0.15 3.61
CA ALA B 104 -40.02 -0.03 4.73
C ALA B 104 -39.68 1.13 5.65
N LEU B 105 -38.43 1.60 5.61
CA LEU B 105 -37.99 2.73 6.43
C LEU B 105 -37.87 4.02 5.62
N SER B 106 -38.35 4.03 4.39
CA SER B 106 -38.11 5.18 3.50
C SER B 106 -38.83 6.43 3.97
N SER B 107 -39.93 6.29 4.70
CA SER B 107 -40.62 7.45 5.25
C SER B 107 -39.92 8.02 6.49
N TYR B 108 -38.82 7.43 6.91
CA TYR B 108 -38.14 7.83 8.14
C TYR B 108 -36.69 8.17 7.85
N VAL B 109 -36.12 9.05 8.67
CA VAL B 109 -34.73 9.47 8.56
C VAL B 109 -33.95 8.70 9.62
N VAL B 110 -33.30 7.62 9.20
CA VAL B 110 -32.54 6.78 10.11
C VAL B 110 -31.16 7.39 10.31
N LYS B 111 -30.67 7.36 11.55
CA LYS B 111 -29.33 7.83 11.85
C LYS B 111 -28.39 6.73 12.32
N LYS B 112 -28.90 5.57 12.70
CA LYS B 112 -28.03 4.46 13.10
C LYS B 112 -28.76 3.14 12.96
N VAL B 113 -28.04 2.13 12.50
CA VAL B 113 -28.49 0.74 12.50
C VAL B 113 -27.58 -0.04 13.46
N ALA B 114 -28.18 -0.81 14.36
CA ALA B 114 -27.44 -1.58 15.35
C ALA B 114 -27.56 -3.06 15.07
N VAL B 115 -26.42 -3.75 15.04
CA VAL B 115 -26.39 -5.18 14.78
C VAL B 115 -25.09 -5.73 15.36
N HIS B 116 -25.14 -6.95 15.86
CA HIS B 116 -23.93 -7.60 16.35
C HIS B 116 -23.22 -8.32 15.21
N SER B 117 -21.91 -8.46 15.34
CA SER B 117 -21.11 -9.12 14.31
C SER B 117 -21.62 -10.53 14.05
N GLY B 118 -22.08 -11.23 15.10
CA GLY B 118 -22.67 -12.54 14.92
C GLY B 118 -24.19 -12.52 15.03
N GLY B 119 -24.80 -11.42 14.59
CA GLY B 119 -26.22 -11.21 14.78
C GLY B 119 -27.07 -11.55 13.57
N ARG B 120 -28.31 -11.96 13.85
CA ARG B 120 -29.30 -12.24 12.82
C ARG B 120 -30.53 -11.35 12.96
N HIS B 121 -30.46 -10.32 13.80
CA HIS B 121 -31.50 -9.31 13.91
C HIS B 121 -30.81 -7.96 14.08
N ALA B 122 -31.58 -6.90 13.84
CA ALA B 122 -31.00 -5.56 13.92
C ALA B 122 -32.10 -4.57 14.28
N THR B 123 -31.67 -3.41 14.78
CA THR B 123 -32.56 -2.29 15.03
C THR B 123 -32.07 -1.07 14.28
N ALA B 124 -32.99 -0.16 14.02
CA ALA B 124 -32.68 1.12 13.39
C ALA B 124 -33.28 2.24 14.23
N LEU B 125 -32.50 3.30 14.43
CA LEU B 125 -32.90 4.45 15.23
C LEU B 125 -33.07 5.66 14.33
N THR B 126 -34.22 6.31 14.41
CA THR B 126 -34.48 7.50 13.60
C THR B 126 -34.01 8.75 14.32
N VAL B 127 -33.99 9.87 13.58
CA VAL B 127 -33.47 11.11 14.13
C VAL B 127 -34.35 11.64 15.26
N ASP B 128 -35.65 11.29 15.25
CA ASP B 128 -36.58 11.74 16.28
C ASP B 128 -36.84 10.68 17.35
N GLY B 129 -35.99 9.66 17.43
CA GLY B 129 -36.01 8.76 18.57
C GLY B 129 -36.87 7.53 18.46
N LYS B 130 -37.27 7.13 17.26
CA LYS B 130 -38.04 5.90 17.08
C LYS B 130 -37.13 4.74 16.75
N VAL B 131 -37.51 3.54 17.21
CA VAL B 131 -36.71 2.33 17.03
C VAL B 131 -37.54 1.29 16.29
N PHE B 132 -37.00 0.80 15.18
CA PHE B 132 -37.55 -0.32 14.44
C PHE B 132 -36.62 -1.53 14.59
N SER B 133 -37.18 -2.72 14.46
CA SER B 133 -36.38 -3.94 14.52
C SER B 133 -36.89 -4.94 13.49
N TRP B 134 -36.02 -5.88 13.14
CA TRP B 134 -36.36 -6.92 12.16
C TRP B 134 -35.39 -8.07 12.31
N GLY B 135 -35.74 -9.19 11.68
CA GLY B 135 -34.86 -10.35 11.66
C GLY B 135 -35.34 -11.48 12.53
N GLU B 136 -34.39 -12.27 13.04
CA GLU B 136 -34.72 -13.42 13.87
C GLU B 136 -35.39 -12.95 15.17
N GLY B 137 -36.50 -13.59 15.52
CA GLY B 137 -37.29 -13.18 16.66
C GLY B 137 -37.12 -14.00 17.93
N ASP B 138 -36.22 -14.98 17.93
CA ASP B 138 -36.07 -15.86 19.10
C ASP B 138 -35.80 -15.05 20.36
N ASP B 139 -36.39 -15.51 21.46
CA ASP B 139 -36.18 -14.95 22.80
C ASP B 139 -36.67 -13.52 22.92
N GLY B 140 -37.51 -13.07 21.98
CA GLY B 140 -38.10 -11.76 22.08
C GLY B 140 -37.15 -10.59 21.87
N LYS B 141 -36.01 -10.83 21.22
CA LYS B 141 -35.02 -9.77 21.06
C LYS B 141 -35.47 -8.68 20.09
N LEU B 142 -36.56 -8.88 19.36
CA LEU B 142 -37.13 -7.82 18.54
C LEU B 142 -37.98 -6.85 19.36
N GLY B 143 -38.48 -7.29 20.52
CA GLY B 143 -39.19 -6.40 21.42
C GLY B 143 -40.65 -6.17 21.10
N HIS B 144 -41.30 -7.10 20.42
CA HIS B 144 -42.70 -6.95 20.03
C HIS B 144 -43.61 -7.91 20.80
N PHE B 145 -43.28 -8.20 22.06
CA PHE B 145 -44.06 -9.12 22.90
C PHE B 145 -44.23 -10.49 22.23
N SER B 146 -43.23 -10.93 21.47
CA SER B 146 -43.37 -12.14 20.67
C SER B 146 -42.01 -12.73 20.39
N ARG B 147 -42.02 -13.98 19.92
CA ARG B 147 -40.81 -14.68 19.51
C ARG B 147 -40.78 -14.95 18.01
N MET B 148 -41.63 -14.28 17.23
CA MET B 148 -41.72 -14.53 15.80
C MET B 148 -40.76 -13.62 15.03
N ASN B 149 -40.31 -14.11 13.88
CA ASN B 149 -39.42 -13.36 13.01
C ASN B 149 -40.16 -12.20 12.34
N CYS B 150 -39.41 -11.16 11.99
CA CYS B 150 -39.91 -10.02 11.22
C CYS B 150 -39.02 -9.85 10.00
N ASP B 151 -39.58 -10.15 8.82
CA ASP B 151 -38.80 -10.00 7.60
C ASP B 151 -38.60 -8.54 7.19
N LYS B 152 -39.38 -7.63 7.76
CA LYS B 152 -39.24 -6.21 7.50
C LYS B 152 -39.28 -5.42 8.81
N PRO B 153 -38.68 -4.23 8.84
CA PRO B 153 -38.65 -3.46 10.08
C PRO B 153 -40.04 -3.19 10.63
N ARG B 154 -40.15 -3.29 11.95
CA ARG B 154 -41.39 -3.03 12.66
C ARG B 154 -41.08 -2.15 13.86
N LEU B 155 -41.90 -1.12 14.06
CA LEU B 155 -41.66 -0.18 15.16
C LEU B 155 -41.84 -0.88 16.50
N ILE B 156 -40.88 -0.66 17.41
CA ILE B 156 -40.98 -1.18 18.77
C ILE B 156 -41.91 -0.24 19.54
N GLU B 157 -43.19 -0.61 19.61
CA GLU B 157 -44.20 0.29 20.17
C GLU B 157 -43.97 0.55 21.65
N ALA B 158 -43.32 -0.37 22.36
CA ALA B 158 -43.08 -0.18 23.79
C ALA B 158 -42.18 1.02 24.07
N LEU B 159 -41.43 1.49 23.07
CA LEU B 159 -40.53 2.62 23.24
C LEU B 159 -41.06 3.90 22.63
N LYS B 160 -42.35 3.93 22.28
CA LYS B 160 -42.91 5.11 21.60
C LYS B 160 -42.84 6.36 22.45
N THR B 161 -42.94 6.22 23.78
CA THR B 161 -42.92 7.39 24.65
C THR B 161 -41.51 7.91 24.87
N LYS B 162 -40.50 7.06 24.71
CA LYS B 162 -39.13 7.44 25.05
C LYS B 162 -38.41 7.99 23.82
N ARG B 163 -37.58 9.02 24.05
CA ARG B 163 -36.73 9.58 23.01
C ARG B 163 -35.40 8.82 23.06
N ILE B 164 -35.25 7.85 22.17
CA ILE B 164 -34.07 6.98 22.18
C ILE B 164 -32.91 7.71 21.51
N ARG B 165 -31.75 7.69 22.15
CA ARG B 165 -30.56 8.33 21.60
C ARG B 165 -29.56 7.36 21.01
N ASP B 166 -29.58 6.09 21.42
CA ASP B 166 -28.69 5.11 20.80
C ASP B 166 -29.19 3.71 21.10
N ILE B 167 -28.73 2.77 20.26
CA ILE B 167 -29.20 1.39 20.26
C ILE B 167 -28.01 0.45 20.17
N ALA B 168 -28.21 -0.79 20.61
CA ALA B 168 -27.22 -1.84 20.45
C ALA B 168 -27.94 -3.18 20.36
N CYS B 169 -27.32 -4.13 19.67
CA CYS B 169 -27.87 -5.47 19.54
C CYS B 169 -26.77 -6.49 19.74
N GLY B 170 -27.09 -7.53 20.50
CA GLY B 170 -26.28 -8.73 20.55
C GLY B 170 -26.84 -9.80 19.62
N SER B 171 -26.38 -11.03 19.83
CA SER B 171 -26.93 -12.14 19.08
C SER B 171 -28.29 -12.57 19.63
N SER B 172 -28.55 -12.33 20.91
CA SER B 172 -29.73 -12.86 21.58
C SER B 172 -30.50 -11.83 22.38
N HIS B 173 -30.04 -10.58 22.46
CA HIS B 173 -30.79 -9.55 23.16
C HIS B 173 -30.48 -8.21 22.51
N SER B 174 -31.17 -7.17 22.98
CA SER B 174 -31.07 -5.83 22.41
C SER B 174 -31.09 -4.81 23.53
N ALA B 175 -30.76 -3.57 23.20
CA ALA B 175 -30.71 -2.50 24.19
C ALA B 175 -30.99 -1.17 23.51
N ALA B 176 -31.52 -0.24 24.30
CA ALA B 176 -31.76 1.13 23.85
C ALA B 176 -31.65 2.03 25.08
N LEU B 177 -31.20 3.26 24.86
CA LEU B 177 -31.08 4.21 25.96
C LEU B 177 -31.70 5.54 25.61
N THR B 178 -32.23 6.19 26.64
CA THR B 178 -32.96 7.44 26.52
C THR B 178 -32.01 8.62 26.36
N SER B 179 -32.59 9.77 26.03
CA SER B 179 -31.87 11.03 26.15
C SER B 179 -31.57 11.36 27.60
N SER B 180 -32.47 10.99 28.52
CA SER B 180 -32.29 11.22 29.94
C SER B 180 -31.32 10.24 30.59
N GLY B 181 -30.86 9.23 29.86
CA GLY B 181 -29.84 8.33 30.35
C GLY B 181 -30.33 7.00 30.90
N GLU B 182 -31.60 6.68 30.73
CA GLU B 182 -32.12 5.38 31.17
C GLU B 182 -31.81 4.31 30.13
N LEU B 183 -31.51 3.11 30.59
CA LEU B 183 -31.16 1.99 29.73
C LEU B 183 -32.27 0.95 29.72
N TYR B 184 -32.65 0.50 28.53
CA TYR B 184 -33.62 -0.56 28.36
C TYR B 184 -32.94 -1.77 27.72
N THR B 185 -33.29 -2.97 28.20
CA THR B 185 -32.81 -4.20 27.60
C THR B 185 -33.97 -5.17 27.46
N TRP B 186 -33.85 -6.07 26.48
CA TRP B 186 -34.86 -7.09 26.26
C TRP B 186 -34.23 -8.20 25.44
N GLY B 187 -34.86 -9.38 25.49
CA GLY B 187 -34.37 -10.54 24.80
C GLY B 187 -34.10 -11.69 25.76
N LEU B 188 -33.14 -12.53 25.38
CA LEU B 188 -32.80 -13.70 26.18
C LEU B 188 -32.24 -13.28 27.53
N GLY B 189 -32.76 -13.88 28.60
CA GLY B 189 -32.31 -13.55 29.94
C GLY B 189 -31.22 -14.42 30.50
N GLU B 190 -30.89 -15.50 29.78
CA GLU B 190 -29.93 -16.49 30.26
C GLU B 190 -28.61 -15.83 30.66
N TYR B 191 -28.09 -16.25 31.82
CA TYR B 191 -26.81 -15.79 32.37
C TYR B 191 -26.80 -14.31 32.69
N GLY B 192 -27.98 -13.70 32.81
CA GLY B 192 -28.10 -12.35 33.34
C GLY B 192 -27.71 -11.22 32.42
N ARG B 193 -27.71 -11.44 31.11
CA ARG B 193 -27.26 -10.41 30.17
C ARG B 193 -28.19 -9.21 30.12
N LEU B 194 -29.42 -9.33 30.62
CA LEU B 194 -30.36 -8.22 30.60
C LEU B 194 -30.18 -7.26 31.78
N GLY B 195 -29.60 -7.73 32.89
CA GLY B 195 -29.24 -6.84 33.98
C GLY B 195 -30.34 -6.52 34.96
N HIS B 196 -31.42 -7.29 34.99
CA HIS B 196 -32.57 -6.99 35.85
C HIS B 196 -32.61 -7.82 37.12
N GLY B 197 -31.50 -8.46 37.49
CA GLY B 197 -31.46 -9.21 38.73
C GLY B 197 -31.95 -10.64 38.65
N ASP B 198 -32.09 -11.19 37.45
CA ASP B 198 -32.55 -12.56 37.27
C ASP B 198 -32.14 -13.01 35.87
N ASN B 199 -32.50 -14.25 35.53
CA ASN B 199 -32.22 -14.84 34.23
C ASN B 199 -33.46 -14.91 33.35
N THR B 200 -34.43 -14.04 33.58
CA THR B 200 -35.74 -14.15 32.95
C THR B 200 -35.74 -13.44 31.60
N THR B 201 -36.16 -14.16 30.56
CA THR B 201 -36.31 -13.58 29.23
C THR B 201 -37.36 -12.48 29.25
N GLN B 202 -37.09 -11.40 28.52
CA GLN B 202 -37.99 -10.26 28.40
C GLN B 202 -38.35 -10.08 26.94
N LEU B 203 -39.64 -10.19 26.63
CA LEU B 203 -40.13 -10.10 25.23
C LEU B 203 -40.44 -8.65 24.91
N LYS B 204 -40.30 -7.77 25.89
CA LYS B 204 -40.54 -6.33 25.71
C LYS B 204 -39.43 -5.54 26.39
N PRO B 205 -39.05 -4.36 25.87
CA PRO B 205 -38.07 -3.53 26.53
C PRO B 205 -38.35 -3.28 28.02
N LYS B 206 -37.35 -3.50 28.89
CA LYS B 206 -37.48 -3.29 30.35
C LYS B 206 -36.33 -2.41 30.85
N MET B 207 -36.63 -1.41 31.67
CA MET B 207 -35.61 -0.49 32.16
C MET B 207 -34.74 -1.16 33.22
N VAL B 208 -33.44 -0.91 33.15
CA VAL B 208 -32.47 -1.45 34.10
C VAL B 208 -32.46 -0.51 35.30
N LYS B 209 -33.16 -0.90 36.37
CA LYS B 209 -33.37 -0.03 37.52
C LYS B 209 -32.07 0.28 38.25
N VAL B 210 -31.11 -0.67 38.25
CA VAL B 210 -29.88 -0.47 39.00
C VAL B 210 -29.11 0.74 38.50
N LEU B 211 -29.20 1.02 37.20
CA LEU B 211 -28.46 2.14 36.61
C LEU B 211 -29.19 3.47 36.74
N LEU B 212 -30.34 3.50 37.39
CA LEU B 212 -31.02 4.78 37.64
C LEU B 212 -30.13 5.69 38.47
N GLY B 213 -30.11 6.98 38.11
CA GLY B 213 -29.18 7.92 38.68
C GLY B 213 -27.90 8.09 37.90
N HIS B 214 -27.56 7.12 37.06
CA HIS B 214 -26.48 7.26 36.09
C HIS B 214 -27.08 7.60 34.74
N ARG B 215 -26.49 8.57 34.05
N ARG B 215 -26.45 8.54 34.04
CA ARG B 215 -26.88 8.86 32.67
CA ARG B 215 -26.84 8.88 32.67
C ARG B 215 -26.05 7.94 31.77
C ARG B 215 -26.05 7.98 31.72
N VAL B 216 -26.66 6.87 31.31
CA VAL B 216 -26.00 5.94 30.39
C VAL B 216 -25.98 6.57 29.01
N ILE B 217 -24.79 6.65 28.41
CA ILE B 217 -24.62 7.29 27.11
C ILE B 217 -24.22 6.31 26.01
N GLN B 218 -23.89 5.07 26.34
CA GLN B 218 -23.56 4.09 25.32
C GLN B 218 -23.70 2.69 25.90
N VAL B 219 -24.09 1.75 25.04
CA VAL B 219 -24.30 0.37 25.44
C VAL B 219 -23.78 -0.54 24.33
N ALA B 220 -23.24 -1.69 24.75
CA ALA B 220 -22.78 -2.71 23.81
C ALA B 220 -23.25 -4.07 24.31
N CYS B 221 -23.51 -4.98 23.37
CA CYS B 221 -24.04 -6.30 23.68
C CYS B 221 -23.15 -7.36 23.03
N GLY B 222 -23.01 -8.49 23.72
CA GLY B 222 -22.23 -9.61 23.22
C GLY B 222 -23.09 -10.68 22.58
N SER B 223 -22.47 -11.83 22.32
CA SER B 223 -23.10 -12.90 21.58
C SER B 223 -22.99 -14.21 22.35
N ARG B 224 -23.79 -15.19 21.91
CA ARG B 224 -23.88 -16.53 22.50
C ARG B 224 -24.08 -16.36 24.01
N ASP B 225 -23.24 -16.94 24.87
CA ASP B 225 -23.28 -16.65 26.31
C ASP B 225 -22.69 -15.26 26.49
N ALA B 226 -23.56 -14.25 26.52
CA ALA B 226 -23.19 -12.88 26.20
C ALA B 226 -22.97 -12.03 27.44
N GLN B 227 -22.10 -11.03 27.28
CA GLN B 227 -21.94 -9.93 28.21
C GLN B 227 -22.70 -8.71 27.71
N THR B 228 -22.92 -7.75 28.60
CA THR B 228 -23.44 -6.45 28.24
C THR B 228 -22.56 -5.38 28.89
N LEU B 229 -22.24 -4.34 28.14
CA LEU B 229 -21.46 -3.21 28.62
C LEU B 229 -22.28 -1.93 28.52
N ALA B 230 -22.05 -1.02 29.45
CA ALA B 230 -22.71 0.28 29.45
C ALA B 230 -21.71 1.34 29.90
N LEU B 231 -21.83 2.52 29.30
CA LEU B 231 -20.94 3.65 29.56
C LEU B 231 -21.77 4.85 29.96
N THR B 232 -21.36 5.53 31.05
CA THR B 232 -22.05 6.71 31.52
C THR B 232 -21.30 7.98 31.11
N ASP B 233 -21.95 9.13 31.33
CA ASP B 233 -21.35 10.40 30.94
C ASP B 233 -20.21 10.81 31.85
N GLU B 234 -20.00 10.11 32.97
CA GLU B 234 -18.85 10.37 33.83
C GLU B 234 -17.68 9.43 33.53
N GLY B 235 -17.78 8.64 32.46
CA GLY B 235 -16.73 7.71 32.12
C GLY B 235 -16.75 6.40 32.86
N LEU B 236 -17.80 6.11 33.62
CA LEU B 236 -17.91 4.83 34.30
C LEU B 236 -18.37 3.76 33.32
N VAL B 237 -17.66 2.64 33.29
CA VAL B 237 -18.03 1.50 32.47
C VAL B 237 -18.62 0.43 33.39
N PHE B 238 -19.78 -0.10 33.01
CA PHE B 238 -20.44 -1.18 33.74
C PHE B 238 -20.50 -2.42 32.85
N SER B 239 -20.53 -3.59 33.50
CA SER B 239 -20.62 -4.85 32.79
C SER B 239 -21.50 -5.81 33.57
N TRP B 240 -22.16 -6.72 32.85
CA TRP B 240 -22.97 -7.76 33.46
C TRP B 240 -23.25 -8.82 32.41
N GLY B 241 -23.81 -9.94 32.87
CA GLY B 241 -24.11 -11.06 31.99
C GLY B 241 -23.16 -12.23 32.23
N ASP B 242 -22.84 -12.97 31.17
CA ASP B 242 -22.02 -14.16 31.31
C ASP B 242 -20.57 -13.78 31.57
N GLY B 243 -19.94 -14.46 32.52
CA GLY B 243 -18.60 -14.15 32.95
C GLY B 243 -17.48 -14.97 32.36
N ASP B 244 -17.78 -15.92 31.46
CA ASP B 244 -16.76 -16.79 30.93
C ASP B 244 -15.63 -16.01 30.27
N PHE B 245 -14.40 -16.48 30.48
CA PHE B 245 -13.19 -15.93 29.86
C PHE B 245 -12.89 -14.52 30.34
N GLY B 246 -13.52 -14.08 31.43
CA GLY B 246 -13.22 -12.79 32.02
C GLY B 246 -13.72 -11.58 31.27
N LYS B 247 -14.68 -11.76 30.35
CA LYS B 247 -15.12 -10.65 29.51
C LYS B 247 -15.90 -9.58 30.27
N LEU B 248 -16.28 -9.83 31.53
CA LEU B 248 -16.86 -8.78 32.34
C LEU B 248 -15.81 -7.81 32.88
N GLY B 249 -14.54 -8.21 32.87
CA GLY B 249 -13.45 -7.33 33.23
C GLY B 249 -13.18 -7.20 34.70
N ARG B 250 -13.71 -8.08 35.54
CA ARG B 250 -13.51 -8.00 36.98
C ARG B 250 -12.87 -9.28 37.53
N GLY B 251 -12.07 -9.94 36.71
CA GLY B 251 -11.33 -11.12 37.13
C GLY B 251 -12.18 -12.37 37.16
N GLY B 252 -11.50 -13.51 37.16
CA GLY B 252 -12.19 -14.78 37.29
C GLY B 252 -13.11 -15.07 36.11
N SER B 253 -14.23 -15.74 36.39
CA SER B 253 -15.16 -16.14 35.34
C SER B 253 -16.61 -16.11 35.81
N GLU B 254 -16.90 -15.47 36.95
CA GLU B 254 -18.26 -15.42 37.47
C GLU B 254 -19.10 -14.41 36.68
N GLY B 255 -20.34 -14.79 36.37
CA GLY B 255 -21.30 -13.87 35.80
C GLY B 255 -22.07 -13.14 36.88
N CYS B 256 -22.97 -12.25 36.44
CA CYS B 256 -23.79 -11.54 37.40
C CYS B 256 -25.06 -11.03 36.73
N ASN B 257 -26.12 -10.96 37.53
CA ASN B 257 -27.45 -10.54 37.12
C ASN B 257 -27.59 -9.03 37.00
N ILE B 258 -26.58 -8.28 37.45
CA ILE B 258 -26.76 -6.88 37.82
C ILE B 258 -25.55 -6.09 37.33
N PRO B 259 -25.73 -4.87 36.82
CA PRO B 259 -24.58 -4.07 36.39
C PRO B 259 -23.56 -3.88 37.51
N GLN B 260 -22.28 -4.04 37.17
CA GLN B 260 -21.18 -3.83 38.09
C GLN B 260 -20.15 -2.93 37.43
N ASN B 261 -19.62 -1.99 38.21
CA ASN B 261 -18.61 -1.07 37.70
C ASN B 261 -17.31 -1.82 37.42
N ILE B 262 -16.73 -1.59 36.25
CA ILE B 262 -15.39 -2.08 35.93
C ILE B 262 -14.41 -1.07 36.52
N GLU B 263 -13.91 -1.36 37.71
CA GLU B 263 -13.15 -0.37 38.47
C GLU B 263 -11.87 0.06 37.76
N ARG B 264 -11.24 -0.85 37.01
CA ARG B 264 -9.97 -0.51 36.37
C ARG B 264 -10.14 0.59 35.33
N LEU B 265 -11.29 0.65 34.66
CA LEU B 265 -11.50 1.66 33.64
C LEU B 265 -11.96 3.00 34.22
N ASN B 266 -12.09 3.11 35.54
CA ASN B 266 -12.48 4.37 36.15
C ASN B 266 -11.40 5.43 35.93
N GLY B 267 -11.83 6.62 35.52
CA GLY B 267 -10.92 7.74 35.37
C GLY B 267 -10.07 7.74 34.11
N GLN B 268 -10.33 6.83 33.17
CA GLN B 268 -9.53 6.72 31.96
C GLN B 268 -10.14 7.42 30.76
N GLY B 269 -11.33 7.98 30.89
CA GLY B 269 -11.94 8.72 29.79
C GLY B 269 -12.45 7.85 28.66
N VAL B 270 -13.08 6.72 28.97
CA VAL B 270 -13.63 5.85 27.94
C VAL B 270 -14.74 6.59 27.20
N CYS B 271 -14.72 6.52 25.87
CA CYS B 271 -15.75 7.13 25.05
C CYS B 271 -16.40 6.18 24.06
N GLN B 272 -15.91 4.94 23.93
CA GLN B 272 -16.55 3.97 23.06
C GLN B 272 -16.36 2.57 23.65
N ILE B 273 -17.41 1.76 23.59
CA ILE B 273 -17.39 0.40 24.08
C ILE B 273 -17.93 -0.52 22.99
N GLU B 274 -17.36 -1.72 22.90
CA GLU B 274 -17.76 -2.70 21.90
C GLU B 274 -17.65 -4.10 22.48
N CYS B 275 -18.49 -4.99 21.98
CA CYS B 275 -18.45 -6.41 22.32
C CYS B 275 -18.31 -7.21 21.04
N GLY B 276 -17.23 -7.97 20.94
CA GLY B 276 -17.09 -8.98 19.90
C GLY B 276 -17.64 -10.31 20.36
N ALA B 277 -17.05 -11.39 19.86
CA ALA B 277 -17.42 -12.73 20.29
C ALA B 277 -16.58 -13.07 21.52
N GLN B 278 -17.21 -13.02 22.70
CA GLN B 278 -16.62 -13.39 23.98
C GLN B 278 -15.50 -12.45 24.42
N PHE B 279 -15.47 -11.22 23.93
CA PHE B 279 -14.48 -10.27 24.42
C PHE B 279 -15.05 -8.85 24.34
N SER B 280 -14.42 -7.95 25.08
CA SER B 280 -14.86 -6.57 25.20
C SER B 280 -13.72 -5.63 24.86
N LEU B 281 -14.08 -4.41 24.46
CA LEU B 281 -13.10 -3.43 24.01
C LEU B 281 -13.57 -2.03 24.41
N ALA B 282 -12.63 -1.21 24.84
CA ALA B 282 -12.89 0.18 25.17
C ALA B 282 -11.88 1.08 24.47
N LEU B 283 -12.35 2.27 24.09
CA LEU B 283 -11.51 3.30 23.53
C LEU B 283 -11.64 4.56 24.37
N THR B 284 -10.50 5.20 24.66
CA THR B 284 -10.50 6.41 25.48
C THR B 284 -10.41 7.65 24.61
N LYS B 285 -10.82 8.79 25.19
CA LYS B 285 -10.76 10.06 24.46
C LYS B 285 -9.34 10.40 24.05
N SER B 286 -8.35 10.01 24.86
CA SER B 286 -6.94 10.24 24.54
C SER B 286 -6.41 9.28 23.48
N GLY B 287 -7.19 8.30 23.07
CA GLY B 287 -6.81 7.39 22.01
C GLY B 287 -6.21 6.07 22.44
N VAL B 288 -6.46 5.64 23.67
CA VAL B 288 -5.97 4.36 24.17
C VAL B 288 -7.04 3.30 23.97
N VAL B 289 -6.62 2.09 23.62
CA VAL B 289 -7.52 0.96 23.41
C VAL B 289 -7.24 -0.09 24.48
N TRP B 290 -8.30 -0.53 25.16
CA TRP B 290 -8.24 -1.63 26.11
C TRP B 290 -9.07 -2.79 25.59
N THR B 291 -8.60 -4.02 25.83
CA THR B 291 -9.34 -5.22 25.50
C THR B 291 -9.27 -6.20 26.65
N TRP B 292 -10.31 -7.03 26.76
CA TRP B 292 -10.33 -8.12 27.74
C TRP B 292 -11.35 -9.15 27.29
N GLY B 293 -11.15 -10.38 27.77
CA GLY B 293 -12.04 -11.47 27.42
C GLY B 293 -11.32 -12.69 26.90
N LYS B 294 -11.99 -13.45 26.02
CA LYS B 294 -11.41 -14.66 25.46
C LYS B 294 -10.24 -14.32 24.54
N GLY B 295 -9.14 -15.05 24.68
CA GLY B 295 -7.93 -14.75 23.93
C GLY B 295 -7.71 -15.55 22.68
N ASP B 296 -8.47 -16.62 22.47
CA ASP B 296 -8.23 -17.51 21.33
C ASP B 296 -8.24 -16.76 20.01
N TYR B 297 -7.31 -17.14 19.13
CA TYR B 297 -7.14 -16.55 17.81
C TYR B 297 -6.79 -15.06 17.88
N PHE B 298 -6.18 -14.65 18.99
CA PHE B 298 -5.52 -13.35 19.10
C PHE B 298 -6.48 -12.18 18.92
N ARG B 299 -7.76 -12.37 19.29
CA ARG B 299 -8.75 -11.33 19.11
C ARG B 299 -8.54 -10.14 20.06
N LEU B 300 -7.75 -10.32 21.11
CA LEU B 300 -7.48 -9.23 22.04
C LEU B 300 -6.31 -8.35 21.61
N GLY B 301 -5.41 -8.87 20.77
CA GLY B 301 -4.33 -8.06 20.23
C GLY B 301 -3.12 -7.89 21.11
N HIS B 302 -2.91 -8.78 22.08
CA HIS B 302 -1.80 -8.65 23.02
C HIS B 302 -0.59 -9.49 22.62
N GLY B 303 -0.57 -10.03 21.41
CA GLY B 303 0.55 -10.81 20.94
C GLY B 303 0.52 -12.29 21.28
N SER B 304 -0.34 -12.70 22.20
CA SER B 304 -0.54 -14.10 22.51
C SER B 304 -2.03 -14.35 22.69
N ASP B 305 -2.41 -15.63 22.78
CA ASP B 305 -3.81 -16.01 22.78
C ASP B 305 -4.33 -16.34 24.18
N VAL B 306 -3.62 -15.95 25.23
CA VAL B 306 -4.13 -16.18 26.58
C VAL B 306 -5.31 -15.24 26.86
N HIS B 307 -6.18 -15.67 27.77
CA HIS B 307 -7.30 -14.84 28.16
C HIS B 307 -6.83 -13.69 29.04
N VAL B 308 -7.64 -12.63 29.07
CA VAL B 308 -7.35 -11.43 29.84
C VAL B 308 -8.63 -11.04 30.58
N ARG B 309 -8.64 -11.20 31.90
CA ARG B 309 -9.85 -11.12 32.70
C ARG B 309 -10.02 -9.77 33.40
N LYS B 310 -9.13 -8.81 33.16
CA LYS B 310 -9.28 -7.43 33.57
C LYS B 310 -8.71 -6.58 32.44
N PRO B 311 -9.31 -5.44 32.14
CA PRO B 311 -8.92 -4.68 30.95
C PRO B 311 -7.42 -4.40 30.90
N GLN B 312 -6.81 -4.60 29.73
CA GLN B 312 -5.41 -4.28 29.52
C GLN B 312 -5.26 -3.42 28.28
N VAL B 313 -4.39 -2.41 28.39
CA VAL B 313 -4.06 -1.57 27.25
C VAL B 313 -3.48 -2.42 26.13
N VAL B 314 -3.96 -2.20 24.91
CA VAL B 314 -3.37 -2.81 23.73
C VAL B 314 -2.04 -2.10 23.47
N GLU B 315 -0.95 -2.68 24.01
CA GLU B 315 0.33 -1.99 24.00
C GLU B 315 0.87 -1.77 22.58
N GLY B 316 0.44 -2.57 21.61
CA GLY B 316 0.88 -2.38 20.24
C GLY B 316 0.38 -1.11 19.59
N LEU B 317 -0.50 -0.36 20.25
CA LEU B 317 -1.04 0.88 19.73
C LEU B 317 -0.62 2.10 20.54
N ARG B 318 0.29 1.93 21.50
CA ARG B 318 0.79 3.07 22.26
C ARG B 318 1.49 4.06 21.35
N GLY B 319 1.29 5.34 21.62
CA GLY B 319 1.82 6.39 20.77
C GLY B 319 0.99 6.70 19.55
N LYS B 320 0.04 5.84 19.19
CA LYS B 320 -0.89 6.09 18.10
C LYS B 320 -2.23 6.50 18.70
N LYS B 321 -2.61 7.76 18.50
CA LYS B 321 -3.92 8.21 18.97
C LYS B 321 -5.00 7.58 18.12
N ILE B 322 -5.80 6.71 18.72
CA ILE B 322 -6.87 6.02 18.01
C ILE B 322 -8.14 6.85 18.10
N VAL B 323 -8.77 7.09 16.95
CA VAL B 323 -9.97 7.93 16.88
C VAL B 323 -11.24 7.13 16.65
N HIS B 324 -11.15 5.86 16.24
CA HIS B 324 -12.33 5.04 16.05
C HIS B 324 -11.93 3.59 16.03
N VAL B 325 -12.85 2.73 16.46
CA VAL B 325 -12.64 1.29 16.54
C VAL B 325 -13.89 0.56 16.09
N ALA B 326 -13.71 -0.70 15.69
CA ALA B 326 -14.80 -1.60 15.40
C ALA B 326 -14.32 -3.01 15.69
N VAL B 327 -15.24 -3.89 16.07
CA VAL B 327 -14.93 -5.28 16.33
C VAL B 327 -15.85 -6.16 15.49
N GLY B 328 -15.30 -7.24 14.98
CA GLY B 328 -16.06 -8.35 14.43
C GLY B 328 -16.20 -9.45 15.45
N ALA B 329 -16.37 -10.68 14.96
CA ALA B 329 -16.41 -11.82 15.86
C ALA B 329 -15.04 -12.06 16.50
N LEU B 330 -14.01 -12.23 15.68
CA LEU B 330 -12.67 -12.55 16.17
C LEU B 330 -11.60 -11.56 15.73
N HIS B 331 -11.98 -10.38 15.21
CA HIS B 331 -10.99 -9.42 14.78
C HIS B 331 -11.43 -8.01 15.16
N CYS B 332 -10.47 -7.09 15.16
CA CYS B 332 -10.71 -5.70 15.49
C CYS B 332 -10.03 -4.80 14.47
N LEU B 333 -10.54 -3.58 14.35
CA LEU B 333 -9.96 -2.55 13.50
C LEU B 333 -9.86 -1.25 14.30
N ALA B 334 -8.71 -0.58 14.18
CA ALA B 334 -8.47 0.68 14.87
C ALA B 334 -8.00 1.73 13.87
N VAL B 335 -8.55 2.94 13.97
CA VAL B 335 -8.21 4.04 13.09
C VAL B 335 -7.35 5.04 13.87
N THR B 336 -6.21 5.42 13.29
CA THR B 336 -5.39 6.46 13.87
C THR B 336 -5.87 7.83 13.42
N ASP B 337 -5.41 8.87 14.12
CA ASP B 337 -5.76 10.22 13.74
C ASP B 337 -5.06 10.67 12.45
N SER B 338 -4.12 9.88 11.95
CA SER B 338 -3.45 10.16 10.69
C SER B 338 -4.07 9.41 9.50
N GLY B 339 -5.16 8.68 9.72
CA GLY B 339 -5.86 8.01 8.65
C GLY B 339 -5.49 6.56 8.43
N GLN B 340 -4.62 5.98 9.25
CA GLN B 340 -4.23 4.59 9.11
C GLN B 340 -5.21 3.67 9.82
N VAL B 341 -5.31 2.45 9.31
CA VAL B 341 -6.13 1.40 9.94
C VAL B 341 -5.21 0.28 10.38
N TYR B 342 -5.34 -0.10 11.65
CA TYR B 342 -4.61 -1.23 12.21
C TYR B 342 -5.60 -2.34 12.56
N ALA B 343 -5.18 -3.59 12.35
CA ALA B 343 -6.04 -4.74 12.56
C ALA B 343 -5.31 -5.80 13.36
N TRP B 344 -6.08 -6.63 14.06
CA TRP B 344 -5.53 -7.81 14.73
C TRP B 344 -6.65 -8.84 14.86
N GLY B 345 -6.25 -10.08 15.09
CA GLY B 345 -7.19 -11.16 15.29
C GLY B 345 -7.16 -12.19 14.17
N ASP B 346 -8.26 -12.93 14.06
CA ASP B 346 -8.35 -14.06 13.15
C ASP B 346 -8.40 -13.59 11.69
N ASN B 347 -8.02 -14.50 10.78
CA ASN B 347 -7.86 -14.15 9.38
C ASN B 347 -8.29 -15.27 8.44
N ASP B 348 -9.21 -16.13 8.88
CA ASP B 348 -9.59 -17.28 8.06
C ASP B 348 -10.17 -16.85 6.72
N HIS B 349 -10.69 -15.63 6.62
CA HIS B 349 -11.35 -15.18 5.41
C HIS B 349 -10.79 -13.86 4.91
N GLY B 350 -9.59 -13.48 5.34
CA GLY B 350 -8.95 -12.27 4.88
C GLY B 350 -9.40 -11.00 5.57
N GLN B 351 -10.16 -11.10 6.66
CA GLN B 351 -10.70 -9.91 7.30
C GLN B 351 -9.62 -9.02 7.92
N GLN B 352 -8.40 -9.54 8.08
CA GLN B 352 -7.31 -8.71 8.58
C GLN B 352 -6.80 -7.72 7.53
N GLY B 353 -6.99 -8.02 6.25
CA GLY B 353 -6.51 -7.13 5.22
C GLY B 353 -5.01 -7.05 5.11
N ASN B 354 -4.32 -8.18 5.35
CA ASN B 354 -2.87 -8.24 5.20
C ASN B 354 -2.46 -9.03 3.97
N GLY B 355 -3.37 -9.24 3.03
CA GLY B 355 -3.09 -9.97 1.82
C GLY B 355 -2.99 -11.48 1.97
N THR B 356 -3.17 -12.01 3.18
CA THR B 356 -3.06 -13.44 3.41
C THR B 356 -4.23 -13.94 4.26
N THR B 357 -4.15 -15.17 4.74
CA THR B 357 -5.06 -15.68 5.76
C THR B 357 -4.32 -15.96 7.06
N THR B 358 -3.25 -15.21 7.32
CA THR B 358 -2.45 -15.36 8.53
C THR B 358 -2.98 -14.43 9.61
N VAL B 359 -3.12 -14.96 10.83
CA VAL B 359 -3.58 -14.15 11.93
C VAL B 359 -2.59 -13.01 12.16
N ASN B 360 -3.13 -11.87 12.61
CA ASN B 360 -2.31 -10.78 13.15
C ASN B 360 -2.36 -10.91 14.67
N ARG B 361 -1.25 -11.39 15.25
CA ARG B 361 -1.22 -11.57 16.70
C ARG B 361 -1.15 -10.24 17.43
N LYS B 362 -0.61 -9.22 16.78
CA LYS B 362 -0.51 -7.87 17.31
C LYS B 362 -1.16 -6.90 16.31
N PRO B 363 -1.51 -5.68 16.76
CA PRO B 363 -2.03 -4.68 15.80
C PRO B 363 -1.09 -4.48 14.62
N THR B 364 -1.61 -4.69 13.42
CA THR B 364 -0.82 -4.67 12.20
C THR B 364 -1.41 -3.66 11.22
N LEU B 365 -0.54 -2.89 10.58
CA LEU B 365 -0.98 -1.90 9.62
C LEU B 365 -1.66 -2.58 8.43
N VAL B 366 -2.86 -2.12 8.10
CA VAL B 366 -3.60 -2.66 6.97
C VAL B 366 -3.05 -2.09 5.68
N GLN B 367 -2.72 -2.97 4.73
CA GLN B 367 -2.06 -2.60 3.50
C GLN B 367 -3.04 -2.00 2.49
N GLY B 368 -2.47 -1.33 1.48
CA GLY B 368 -3.23 -0.90 0.33
C GLY B 368 -4.16 0.27 0.56
N LEU B 369 -3.95 1.06 1.61
CA LEU B 369 -4.82 2.20 1.90
C LEU B 369 -4.05 3.52 1.97
N GLU B 370 -2.80 3.56 1.54
CA GLU B 370 -2.08 4.83 1.50
C GLU B 370 -2.75 5.77 0.50
N GLY B 371 -2.87 7.04 0.88
CA GLY B 371 -3.63 8.00 0.12
C GLY B 371 -5.08 8.10 0.52
N GLN B 372 -5.55 7.22 1.39
CA GLN B 372 -6.93 7.24 1.90
C GLN B 372 -6.87 7.58 3.39
N LYS B 373 -7.40 8.74 3.75
CA LYS B 373 -7.40 9.17 5.14
C LYS B 373 -8.66 8.63 5.81
N ILE B 374 -8.57 7.38 6.27
CA ILE B 374 -9.70 6.70 6.89
C ILE B 374 -10.07 7.38 8.19
N THR B 375 -11.36 7.60 8.41
CA THR B 375 -11.86 8.10 9.67
C THR B 375 -12.78 7.15 10.42
N ARG B 376 -13.32 6.12 9.77
CA ARG B 376 -14.27 5.24 10.44
C ARG B 376 -14.08 3.80 9.97
N VAL B 377 -14.28 2.85 10.89
CA VAL B 377 -14.23 1.44 10.58
C VAL B 377 -15.55 0.78 10.94
N ALA B 378 -15.76 -0.41 10.39
CA ALA B 378 -16.90 -1.24 10.71
C ALA B 378 -16.55 -2.68 10.44
N CYS B 379 -17.22 -3.58 11.15
CA CYS B 379 -16.97 -5.00 11.04
C CYS B 379 -18.27 -5.78 11.10
N GLY B 380 -18.28 -6.89 10.35
CA GLY B 380 -19.23 -7.95 10.52
C GLY B 380 -18.58 -9.18 11.14
N SER B 381 -19.28 -10.32 11.03
CA SER B 381 -18.76 -11.56 11.59
C SER B 381 -17.34 -11.85 11.10
N SER B 382 -17.13 -11.79 9.78
CA SER B 382 -15.84 -12.14 9.20
C SER B 382 -15.44 -11.19 8.09
N HIS B 383 -15.93 -9.95 8.11
CA HIS B 383 -15.59 -8.99 7.06
C HIS B 383 -15.34 -7.63 7.70
N SER B 384 -14.81 -6.71 6.90
CA SER B 384 -14.27 -5.45 7.39
C SER B 384 -14.61 -4.32 6.44
N VAL B 385 -14.79 -3.12 7.00
CA VAL B 385 -15.12 -1.92 6.24
C VAL B 385 -14.32 -0.75 6.80
N ALA B 386 -13.83 0.10 5.90
CA ALA B 386 -13.18 1.35 6.26
C ALA B 386 -13.57 2.41 5.24
N TRP B 387 -13.86 3.63 5.70
CA TRP B 387 -14.25 4.66 4.76
C TRP B 387 -13.74 6.02 5.22
N THR B 388 -13.62 6.93 4.26
CA THR B 388 -13.20 8.30 4.47
C THR B 388 -14.40 9.23 4.43
N THR B 389 -14.17 10.49 4.81
CA THR B 389 -15.19 11.53 4.67
C THR B 389 -14.56 12.88 4.41
N ARG C 21 21.66 -17.36 -30.70
CA ARG C 21 21.99 -16.39 -29.66
C ARG C 21 21.21 -16.63 -28.38
N THR C 22 21.80 -16.22 -27.26
CA THR C 22 21.08 -16.12 -26.00
C THR C 22 21.39 -14.74 -25.42
N LYS C 23 20.36 -13.92 -25.26
CA LYS C 23 20.51 -12.59 -24.68
C LYS C 23 20.34 -12.68 -23.17
N VAL C 24 21.27 -12.07 -22.43
CA VAL C 24 21.27 -12.10 -20.98
C VAL C 24 21.22 -10.68 -20.46
N PHE C 25 20.28 -10.42 -19.53
CA PHE C 25 20.16 -9.13 -18.87
C PHE C 25 20.37 -9.32 -17.37
N VAL C 26 21.08 -8.38 -16.75
CA VAL C 26 21.40 -8.45 -15.33
C VAL C 26 21.08 -7.11 -14.68
N TRP C 27 20.83 -7.15 -13.38
CA TRP C 27 20.64 -5.92 -12.60
C TRP C 27 20.80 -6.26 -11.12
N GLY C 28 20.85 -5.21 -10.30
CA GLY C 28 21.00 -5.37 -8.86
C GLY C 28 22.36 -4.95 -8.34
N LEU C 29 22.78 -5.55 -7.22
CA LEU C 29 24.03 -5.17 -6.58
C LEU C 29 25.22 -5.55 -7.46
N ASN C 30 26.26 -4.69 -7.43
CA ASN C 30 27.42 -4.90 -8.28
C ASN C 30 28.70 -4.42 -7.61
N ASP C 31 28.75 -4.37 -6.27
CA ASP C 31 29.92 -3.81 -5.58
C ASP C 31 31.15 -4.67 -5.76
N LYS C 32 30.98 -5.98 -5.96
CA LYS C 32 32.09 -6.88 -6.24
C LYS C 32 32.11 -7.33 -7.70
N ASP C 33 31.49 -6.55 -8.59
CA ASP C 33 31.43 -6.84 -10.02
C ASP C 33 30.73 -8.18 -10.28
N GLN C 34 29.75 -8.51 -9.45
CA GLN C 34 29.03 -9.77 -9.65
C GLN C 34 28.09 -9.73 -10.86
N LEU C 35 27.87 -8.56 -11.45
CA LEU C 35 27.05 -8.49 -12.65
C LEU C 35 27.83 -8.75 -13.93
N GLY C 36 29.15 -8.88 -13.84
CA GLY C 36 29.95 -9.39 -14.94
C GLY C 36 30.58 -8.38 -15.86
N GLY C 37 30.57 -7.09 -15.51
CA GLY C 37 31.25 -6.11 -16.34
C GLY C 37 30.42 -4.88 -16.64
N LEU C 38 29.80 -4.30 -15.63
CA LEU C 38 29.00 -3.08 -15.80
C LEU C 38 29.54 -2.04 -14.82
N LYS C 39 29.28 -0.77 -15.07
CA LYS C 39 29.82 0.30 -14.22
C LYS C 39 28.76 0.72 -13.24
N GLY C 40 29.15 0.91 -12.00
CA GLY C 40 28.18 1.29 -10.96
C GLY C 40 27.97 0.17 -9.98
N SER C 41 27.85 0.52 -8.70
CA SER C 41 27.61 -0.48 -7.66
C SER C 41 26.16 -0.94 -7.61
N LYS C 42 25.22 -0.14 -8.09
CA LYS C 42 23.81 -0.50 -8.14
C LYS C 42 23.31 -0.32 -9.57
N ILE C 43 22.75 -1.39 -10.14
CA ILE C 43 22.12 -1.34 -11.45
C ILE C 43 20.62 -1.52 -11.24
N LYS C 44 19.86 -0.46 -11.50
CA LYS C 44 18.46 -0.40 -11.10
C LYS C 44 17.48 -0.81 -12.20
N VAL C 45 17.95 -1.03 -13.42
CA VAL C 45 17.10 -1.53 -14.49
C VAL C 45 17.77 -2.73 -15.16
N PRO C 46 17.01 -3.63 -15.77
CA PRO C 46 17.64 -4.73 -16.51
C PRO C 46 18.57 -4.20 -17.60
N SER C 47 19.81 -4.69 -17.57
CA SER C 47 20.86 -4.18 -18.45
C SER C 47 21.46 -5.33 -19.24
N PHE C 48 21.54 -5.17 -20.56
CA PHE C 48 22.13 -6.17 -21.42
C PHE C 48 23.58 -6.44 -21.02
N SER C 49 23.90 -7.70 -20.78
CA SER C 49 25.25 -8.12 -20.42
C SER C 49 25.96 -8.57 -21.68
N GLU C 50 26.84 -7.73 -22.20
CA GLU C 50 27.64 -8.11 -23.36
C GLU C 50 28.47 -9.36 -23.08
N THR C 51 29.06 -9.44 -21.89
CA THR C 51 29.94 -10.57 -21.58
C THR C 51 29.17 -11.87 -21.46
N LEU C 52 28.04 -11.87 -20.73
CA LEU C 52 27.29 -13.10 -20.53
C LEU C 52 26.58 -13.54 -21.80
N SER C 53 26.08 -12.58 -22.60
CA SER C 53 25.36 -12.92 -23.81
C SER C 53 26.26 -13.57 -24.86
N ALA C 54 27.58 -13.35 -24.78
CA ALA C 54 28.50 -13.93 -25.74
C ALA C 54 28.78 -15.41 -25.49
N LEU C 55 28.40 -15.94 -24.32
CA LEU C 55 28.77 -17.29 -23.93
C LEU C 55 27.78 -18.35 -24.36
N ASN C 56 26.62 -17.96 -24.90
CA ASN C 56 25.57 -18.90 -25.30
C ASN C 56 25.14 -19.77 -24.11
N VAL C 57 24.61 -19.11 -23.08
CA VAL C 57 24.33 -19.77 -21.81
C VAL C 57 23.06 -20.59 -21.90
N VAL C 58 23.04 -21.69 -21.15
CA VAL C 58 21.81 -22.43 -20.89
C VAL C 58 21.36 -22.30 -19.44
N GLN C 59 22.24 -21.86 -18.55
CA GLN C 59 21.87 -21.61 -17.16
C GLN C 59 22.74 -20.50 -16.59
N VAL C 60 22.12 -19.60 -15.85
CA VAL C 60 22.82 -18.64 -15.01
C VAL C 60 22.38 -18.90 -13.57
N ALA C 61 23.31 -18.79 -12.63
CA ALA C 61 23.02 -19.05 -11.23
C ALA C 61 23.73 -18.03 -10.38
N GLY C 62 23.05 -17.58 -9.33
CA GLY C 62 23.55 -16.52 -8.47
C GLY C 62 23.80 -17.03 -7.06
N GLY C 63 24.99 -16.72 -6.54
CA GLY C 63 25.32 -16.94 -5.16
C GLY C 63 25.51 -15.65 -4.40
N SER C 64 26.21 -15.75 -3.28
CA SER C 64 26.50 -14.57 -2.47
C SER C 64 27.48 -13.68 -3.21
N LYS C 65 26.97 -12.61 -3.83
CA LYS C 65 27.76 -11.67 -4.62
C LYS C 65 28.59 -12.41 -5.67
N SER C 66 27.98 -13.42 -6.29
CA SER C 66 28.66 -14.25 -7.27
C SER C 66 27.69 -14.63 -8.38
N LEU C 67 28.24 -14.87 -9.57
CA LEU C 67 27.44 -15.25 -10.72
C LEU C 67 28.14 -16.40 -11.44
N PHE C 68 27.36 -17.41 -11.83
CA PHE C 68 27.85 -18.56 -12.58
C PHE C 68 27.02 -18.71 -13.85
N ALA C 69 27.67 -19.15 -14.93
CA ALA C 69 26.98 -19.34 -16.19
C ALA C 69 27.45 -20.65 -16.82
N VAL C 70 26.49 -21.49 -17.22
CA VAL C 70 26.77 -22.74 -17.91
C VAL C 70 26.45 -22.55 -19.38
N THR C 71 27.42 -22.84 -20.24
CA THR C 71 27.26 -22.64 -21.67
C THR C 71 26.64 -23.86 -22.33
N VAL C 72 26.23 -23.68 -23.59
CA VAL C 72 25.67 -24.79 -24.37
C VAL C 72 26.70 -25.87 -24.59
N GLU C 73 27.99 -25.52 -24.58
CA GLU C 73 29.07 -26.49 -24.74
C GLU C 73 29.41 -27.21 -23.44
N GLY C 74 28.77 -26.86 -22.33
CA GLY C 74 29.09 -27.47 -21.07
C GLY C 74 30.20 -26.80 -20.29
N LYS C 75 30.68 -25.65 -20.74
CA LYS C 75 31.68 -24.88 -20.00
C LYS C 75 30.99 -24.05 -18.94
N VAL C 76 31.74 -23.75 -17.86
CA VAL C 76 31.24 -22.98 -16.74
C VAL C 76 32.09 -21.73 -16.57
N TYR C 77 31.43 -20.59 -16.37
CA TYR C 77 32.09 -19.32 -16.13
C TYR C 77 31.59 -18.72 -14.83
N ALA C 78 32.46 -17.94 -14.18
CA ALA C 78 32.13 -17.34 -12.89
C ALA C 78 32.69 -15.93 -12.81
N CYS C 79 32.06 -15.11 -11.96
CA CYS C 79 32.50 -13.75 -11.72
C CYS C 79 31.88 -13.26 -10.43
N GLY C 80 32.52 -12.25 -9.84
CA GLY C 80 32.04 -11.65 -8.60
C GLY C 80 33.07 -11.78 -7.48
N GLU C 81 32.56 -11.86 -6.26
CA GLU C 81 33.43 -11.98 -5.09
C GLU C 81 34.08 -13.36 -5.05
N ALA C 82 35.40 -13.40 -4.86
CA ALA C 82 36.16 -14.63 -4.87
C ALA C 82 36.47 -15.18 -3.48
N THR C 83 36.11 -14.44 -2.43
CA THR C 83 36.42 -14.86 -1.06
C THR C 83 35.90 -16.27 -0.79
N ASN C 84 36.61 -17.00 0.06
CA ASN C 84 36.34 -18.39 0.42
C ASN C 84 36.45 -19.34 -0.77
N GLY C 85 37.07 -18.91 -1.86
CA GLY C 85 37.17 -19.74 -3.04
C GLY C 85 35.83 -20.11 -3.64
N ARG C 86 34.81 -19.26 -3.46
CA ARG C 86 33.46 -19.61 -3.85
C ARG C 86 33.27 -19.69 -5.36
N LEU C 87 34.16 -19.08 -6.14
CA LEU C 87 34.03 -19.11 -7.60
C LEU C 87 34.70 -20.32 -8.23
N GLY C 88 35.50 -21.08 -7.48
CA GLY C 88 36.16 -22.24 -8.02
C GLY C 88 37.24 -21.94 -9.03
N LEU C 89 37.88 -20.78 -8.92
CA LEU C 89 38.88 -20.34 -9.89
C LEU C 89 40.30 -20.41 -9.33
N GLY C 90 40.52 -21.23 -8.30
CA GLY C 90 41.84 -21.35 -7.72
C GLY C 90 42.29 -20.17 -6.89
N ILE C 91 41.40 -19.21 -6.63
CA ILE C 91 41.71 -18.03 -5.82
C ILE C 91 40.78 -18.01 -4.63
N SER C 92 41.18 -17.23 -3.61
CA SER C 92 40.38 -17.13 -2.39
C SER C 92 40.24 -15.69 -1.90
N SER C 93 40.62 -14.69 -2.69
CA SER C 93 40.51 -13.31 -2.29
C SER C 93 40.34 -12.43 -3.51
N GLY C 94 39.81 -11.24 -3.30
CA GLY C 94 39.58 -10.30 -4.37
C GLY C 94 38.24 -10.51 -5.05
N THR C 95 38.16 -10.03 -6.29
CA THR C 95 36.98 -10.20 -7.13
C THR C 95 37.40 -10.60 -8.53
N VAL C 96 36.44 -11.10 -9.29
CA VAL C 96 36.62 -11.45 -10.69
C VAL C 96 35.64 -10.63 -11.52
N PRO C 97 36.09 -9.53 -12.11
CA PRO C 97 35.14 -8.57 -12.70
C PRO C 97 34.56 -8.97 -14.03
N ILE C 98 35.23 -9.82 -14.80
CA ILE C 98 34.69 -10.31 -16.07
C ILE C 98 34.58 -11.83 -15.94
N PRO C 99 33.48 -12.44 -16.41
CA PRO C 99 33.33 -13.91 -16.31
C PRO C 99 34.53 -14.68 -16.82
N ARG C 100 35.08 -15.52 -15.94
CA ARG C 100 36.27 -16.32 -16.22
C ARG C 100 35.89 -17.80 -16.19
N GLN C 101 36.49 -18.57 -17.10
CA GLN C 101 36.14 -19.98 -17.22
C GLN C 101 36.74 -20.79 -16.07
N ILE C 102 35.92 -21.64 -15.47
CA ILE C 102 36.40 -22.60 -14.48
C ILE C 102 37.09 -23.72 -15.23
N THR C 103 38.39 -23.55 -15.48
CA THR C 103 39.13 -24.49 -16.32
C THR C 103 39.25 -25.87 -15.69
N ALA C 104 39.06 -25.99 -14.37
CA ALA C 104 39.14 -27.28 -13.72
C ALA C 104 38.06 -28.25 -14.24
N LEU C 105 36.98 -27.72 -14.82
CA LEU C 105 35.91 -28.54 -15.37
C LEU C 105 35.95 -28.60 -16.89
N SER C 106 36.99 -28.05 -17.53
CA SER C 106 36.98 -27.87 -18.97
C SER C 106 36.97 -29.20 -19.74
N SER C 107 37.35 -30.30 -19.10
CA SER C 107 37.30 -31.60 -19.76
C SER C 107 35.95 -32.27 -19.63
N TYR C 108 35.03 -31.71 -18.84
CA TYR C 108 33.70 -32.27 -18.64
C TYR C 108 32.64 -31.33 -19.22
N VAL C 109 31.52 -31.92 -19.62
CA VAL C 109 30.36 -31.18 -20.11
C VAL C 109 29.38 -31.07 -18.94
N VAL C 110 29.32 -29.89 -18.34
CA VAL C 110 28.47 -29.62 -17.19
C VAL C 110 27.11 -29.13 -17.66
N LYS C 111 26.04 -29.63 -17.05
CA LYS C 111 24.69 -29.24 -17.45
C LYS C 111 23.96 -28.41 -16.41
N LYS C 112 24.52 -28.23 -15.21
CA LYS C 112 23.88 -27.42 -14.18
C LYS C 112 24.88 -27.09 -13.09
N VAL C 113 24.83 -25.85 -12.62
CA VAL C 113 25.53 -25.42 -11.41
C VAL C 113 24.47 -25.12 -10.35
N ALA C 114 24.70 -25.61 -9.14
CA ALA C 114 23.79 -25.40 -8.02
C ALA C 114 24.48 -24.56 -6.96
N VAL C 115 23.81 -23.48 -6.53
CA VAL C 115 24.35 -22.58 -5.52
C VAL C 115 23.18 -21.88 -4.85
N HIS C 116 23.33 -21.58 -3.57
CA HIS C 116 22.32 -20.79 -2.86
C HIS C 116 22.60 -19.31 -3.02
N SER C 117 21.54 -18.51 -3.02
CA SER C 117 21.70 -17.07 -3.19
C SER C 117 22.61 -16.47 -2.13
N GLY C 118 22.58 -17.02 -0.91
CA GLY C 118 23.49 -16.58 0.12
C GLY C 118 24.58 -17.59 0.42
N GLY C 119 24.96 -18.37 -0.59
CA GLY C 119 25.92 -19.43 -0.40
C GLY C 119 27.34 -19.05 -0.81
N ARG C 120 28.30 -19.77 -0.25
CA ARG C 120 29.71 -19.59 -0.58
C ARG C 120 30.35 -20.89 -1.07
N HIS C 121 29.53 -21.85 -1.48
CA HIS C 121 29.99 -23.08 -2.09
C HIS C 121 28.98 -23.48 -3.16
N ALA C 122 29.43 -24.26 -4.13
CA ALA C 122 28.55 -24.64 -5.23
C ALA C 122 28.88 -26.05 -5.69
N THR C 123 27.95 -26.65 -6.41
CA THR C 123 28.16 -27.93 -7.06
C THR C 123 27.91 -27.78 -8.56
N ALA C 124 28.51 -28.69 -9.31
CA ALA C 124 28.35 -28.76 -10.76
C ALA C 124 28.01 -30.19 -11.13
N LEU C 125 27.00 -30.35 -11.99
CA LEU C 125 26.53 -31.65 -12.44
C LEU C 125 26.82 -31.81 -13.92
N THR C 126 27.49 -32.89 -14.29
CA THR C 126 27.83 -33.14 -15.68
C THR C 126 26.72 -33.94 -16.36
N VAL C 127 26.81 -34.02 -17.68
CA VAL C 127 25.76 -34.70 -18.46
C VAL C 127 25.71 -36.17 -18.10
N ASP C 128 26.85 -36.79 -17.85
CA ASP C 128 26.91 -38.20 -17.48
C ASP C 128 26.75 -38.43 -15.97
N GLY C 129 26.30 -37.42 -15.23
CA GLY C 129 25.86 -37.62 -13.86
C GLY C 129 26.93 -37.51 -12.79
N LYS C 130 28.04 -36.83 -13.05
CA LYS C 130 29.08 -36.65 -12.05
C LYS C 130 28.93 -35.29 -11.37
N VAL C 131 29.34 -35.24 -10.11
CA VAL C 131 29.13 -34.05 -9.27
C VAL C 131 30.48 -33.58 -8.74
N PHE C 132 30.79 -32.31 -9.00
CA PHE C 132 31.95 -31.64 -8.42
C PHE C 132 31.47 -30.58 -7.44
N SER C 133 32.33 -30.25 -6.47
CA SER C 133 32.02 -29.21 -5.50
C SER C 133 33.27 -28.38 -5.25
N TRP C 134 33.06 -27.17 -4.73
CA TRP C 134 34.14 -26.25 -4.44
C TRP C 134 33.62 -25.15 -3.54
N GLY C 135 34.55 -24.43 -2.92
CA GLY C 135 34.20 -23.29 -2.08
C GLY C 135 34.38 -23.54 -0.61
N GLU C 136 33.59 -22.85 0.21
CA GLU C 136 33.67 -22.99 1.66
C GLU C 136 33.33 -24.42 2.07
N GLY C 137 34.19 -25.02 2.88
CA GLY C 137 34.06 -26.40 3.26
C GLY C 137 33.52 -26.67 4.65
N ASP C 138 33.12 -25.63 5.38
CA ASP C 138 32.66 -25.80 6.76
C ASP C 138 31.51 -26.79 6.84
N ASP C 139 31.50 -27.58 7.91
CA ASP C 139 30.43 -28.54 8.21
C ASP C 139 30.31 -29.63 7.15
N GLY C 140 31.31 -29.77 6.28
CA GLY C 140 31.31 -30.85 5.31
C GLY C 140 30.38 -30.67 4.13
N LYS C 141 30.00 -29.42 3.81
CA LYS C 141 29.03 -29.18 2.76
C LYS C 141 29.56 -29.53 1.37
N LEU C 142 30.88 -29.66 1.21
CA LEU C 142 31.44 -30.08 -0.07
C LEU C 142 31.38 -31.58 -0.27
N GLY C 143 31.32 -32.36 0.81
CA GLY C 143 31.08 -33.79 0.71
C GLY C 143 32.30 -34.67 0.55
N HIS C 144 33.51 -34.15 0.80
CA HIS C 144 34.73 -34.93 0.67
C HIS C 144 35.20 -35.51 2.00
N PHE C 145 34.28 -35.72 2.94
CA PHE C 145 34.60 -36.30 4.26
C PHE C 145 35.60 -35.43 5.01
N SER C 146 35.46 -34.11 4.89
CA SER C 146 36.31 -33.18 5.61
C SER C 146 35.58 -31.85 5.69
N ARG C 147 36.18 -30.92 6.47
CA ARG C 147 35.67 -29.57 6.61
C ARG C 147 36.55 -28.55 5.91
N MET C 148 37.36 -28.98 4.94
CA MET C 148 38.35 -28.13 4.29
C MET C 148 37.74 -27.38 3.12
N ASN C 149 38.20 -26.15 2.91
CA ASN C 149 37.83 -25.40 1.72
C ASN C 149 38.47 -26.02 0.47
N CYS C 150 37.82 -25.83 -0.67
CA CYS C 150 38.33 -26.26 -1.97
C CYS C 150 38.21 -25.08 -2.91
N ASP C 151 39.35 -24.48 -3.29
CA ASP C 151 39.29 -23.32 -4.18
C ASP C 151 39.12 -23.71 -5.64
N LYS C 152 39.08 -25.00 -5.96
CA LYS C 152 38.84 -25.49 -7.31
C LYS C 152 37.89 -26.68 -7.22
N PRO C 153 37.10 -26.92 -8.28
CA PRO C 153 36.16 -28.04 -8.24
C PRO C 153 36.87 -29.37 -8.07
N ARG C 154 36.32 -30.20 -7.19
CA ARG C 154 36.83 -31.54 -6.91
C ARG C 154 35.67 -32.52 -6.93
N LEU C 155 35.87 -33.66 -7.61
CA LEU C 155 34.80 -34.64 -7.72
C LEU C 155 34.41 -35.20 -6.36
N ILE C 156 33.11 -35.29 -6.12
CA ILE C 156 32.58 -35.91 -4.90
C ILE C 156 32.69 -37.42 -5.09
N GLU C 157 33.72 -38.01 -4.47
CA GLU C 157 34.00 -39.43 -4.70
C GLU C 157 32.83 -40.31 -4.29
N ALA C 158 32.13 -39.95 -3.23
CA ALA C 158 31.07 -40.80 -2.68
C ALA C 158 29.90 -40.99 -3.65
N LEU C 159 29.77 -40.13 -4.65
CA LEU C 159 28.65 -40.19 -5.59
C LEU C 159 29.07 -40.70 -6.97
N LYS C 160 30.32 -41.13 -7.14
CA LYS C 160 30.78 -41.58 -8.46
C LYS C 160 30.01 -42.81 -8.93
N THR C 161 29.64 -43.68 -8.01
CA THR C 161 28.84 -44.85 -8.33
C THR C 161 27.42 -44.50 -8.77
N LYS C 162 26.90 -43.35 -8.33
CA LYS C 162 25.47 -43.05 -8.58
C LYS C 162 25.27 -42.16 -9.82
N ARG C 163 24.15 -42.34 -10.50
CA ARG C 163 23.82 -41.46 -11.64
C ARG C 163 22.99 -40.30 -11.10
N ILE C 164 23.60 -39.13 -10.98
CA ILE C 164 22.91 -37.97 -10.37
C ILE C 164 22.08 -37.26 -11.43
N ARG C 165 20.83 -36.98 -11.09
CA ARG C 165 19.94 -36.28 -12.01
C ARG C 165 19.85 -34.78 -11.72
N ASP C 166 19.94 -34.38 -10.46
CA ASP C 166 19.81 -32.97 -10.10
C ASP C 166 20.58 -32.69 -8.82
N ILE C 167 20.84 -31.40 -8.57
CA ILE C 167 21.62 -30.97 -7.43
C ILE C 167 21.05 -29.68 -6.88
N ALA C 168 21.34 -29.41 -5.61
CA ALA C 168 20.95 -28.18 -4.95
C ALA C 168 21.90 -27.93 -3.79
N CYS C 169 22.15 -26.65 -3.51
CA CYS C 169 22.98 -26.25 -2.39
C CYS C 169 22.25 -25.21 -1.56
N GLY C 170 22.45 -25.28 -0.25
CA GLY C 170 22.10 -24.22 0.66
C GLY C 170 23.33 -23.45 1.08
N SER C 171 23.21 -22.74 2.20
CA SER C 171 24.37 -22.01 2.70
C SER C 171 25.29 -22.90 3.52
N SER C 172 24.75 -23.98 4.11
CA SER C 172 25.55 -24.84 4.96
C SER C 172 25.32 -26.32 4.69
N HIS C 173 24.53 -26.69 3.69
CA HIS C 173 24.36 -28.09 3.33
C HIS C 173 24.05 -28.19 1.84
N SER C 174 24.05 -29.43 1.34
CA SER C 174 23.93 -29.68 -0.08
C SER C 174 23.10 -30.94 -0.30
N ALA C 175 22.65 -31.13 -1.53
CA ALA C 175 21.80 -32.25 -1.87
C ALA C 175 22.00 -32.65 -3.33
N ALA C 176 21.72 -33.91 -3.61
CA ALA C 176 21.75 -34.44 -4.96
C ALA C 176 20.77 -35.60 -5.04
N LEU C 177 20.14 -35.78 -6.20
CA LEU C 177 19.19 -36.88 -6.36
C LEU C 177 19.57 -37.70 -7.58
N THR C 178 19.34 -39.01 -7.47
CA THR C 178 19.65 -39.96 -8.53
C THR C 178 18.50 -40.08 -9.52
N SER C 179 18.80 -40.69 -10.67
CA SER C 179 17.78 -40.92 -11.68
C SER C 179 16.70 -41.88 -11.19
N SER C 180 16.98 -42.67 -10.16
CA SER C 180 15.99 -43.57 -9.57
C SER C 180 15.13 -42.89 -8.52
N GLY C 181 15.40 -41.63 -8.18
CA GLY C 181 14.58 -40.90 -7.24
C GLY C 181 15.07 -40.91 -5.80
N GLU C 182 16.30 -41.34 -5.56
CA GLU C 182 16.87 -41.31 -4.22
C GLU C 182 17.51 -39.94 -3.97
N LEU C 183 17.43 -39.48 -2.72
CA LEU C 183 17.92 -38.16 -2.33
C LEU C 183 19.04 -38.29 -1.32
N TYR C 184 20.16 -37.61 -1.59
CA TYR C 184 21.28 -37.51 -0.68
C TYR C 184 21.34 -36.11 -0.09
N THR C 185 21.68 -36.02 1.20
CA THR C 185 21.96 -34.74 1.84
C THR C 185 23.28 -34.85 2.60
N TRP C 186 23.97 -33.72 2.72
CA TRP C 186 25.19 -33.67 3.49
C TRP C 186 25.49 -32.23 3.86
N GLY C 187 26.30 -32.06 4.90
CA GLY C 187 26.64 -30.76 5.42
C GLY C 187 26.25 -30.63 6.89
N LEU C 188 25.94 -29.40 7.28
CA LEU C 188 25.61 -29.10 8.67
C LEU C 188 24.30 -29.80 9.06
N GLY C 189 24.32 -30.52 10.18
CA GLY C 189 23.13 -31.23 10.63
C GLY C 189 22.24 -30.45 11.55
N GLU C 190 22.68 -29.27 11.99
CA GLU C 190 21.93 -28.50 12.99
C GLU C 190 20.51 -28.23 12.53
N TYR C 191 19.57 -28.40 13.46
CA TYR C 191 18.15 -28.14 13.28
C TYR C 191 17.50 -29.04 12.23
N GLY C 192 18.13 -30.17 11.91
CA GLY C 192 17.47 -31.21 11.14
C GLY C 192 17.38 -30.99 9.65
N ARG C 193 18.19 -30.08 9.09
CA ARG C 193 18.05 -29.75 7.67
C ARG C 193 18.43 -30.92 6.76
N LEU C 194 19.20 -31.88 7.25
CA LEU C 194 19.61 -33.02 6.42
C LEU C 194 18.52 -34.09 6.32
N GLY C 195 17.61 -34.16 7.29
CA GLY C 195 16.49 -35.06 7.20
C GLY C 195 16.73 -36.50 7.58
N HIS C 196 17.77 -36.78 8.38
CA HIS C 196 18.11 -38.13 8.76
C HIS C 196 17.62 -38.50 10.15
N GLY C 197 16.63 -37.80 10.68
CA GLY C 197 16.09 -38.12 11.98
C GLY C 197 16.96 -37.73 13.15
N ASP C 198 18.00 -36.93 12.93
CA ASP C 198 18.81 -36.39 14.01
C ASP C 198 19.36 -35.04 13.56
N ASN C 199 20.22 -34.45 14.39
CA ASN C 199 20.84 -33.16 14.10
C ASN C 199 22.33 -33.31 13.82
N THR C 200 22.74 -34.50 13.35
CA THR C 200 24.15 -34.84 13.20
C THR C 200 24.69 -34.36 11.87
N THR C 201 25.87 -33.75 11.89
CA THR C 201 26.52 -33.30 10.67
C THR C 201 27.02 -34.49 9.85
N GLN C 202 26.81 -34.42 8.54
CA GLN C 202 27.27 -35.46 7.61
C GLN C 202 28.33 -34.85 6.70
N LEU C 203 29.58 -35.30 6.86
CA LEU C 203 30.67 -34.85 6.01
C LEU C 203 30.68 -35.54 4.65
N LYS C 204 29.75 -36.46 4.43
CA LYS C 204 29.68 -37.30 3.25
C LYS C 204 28.21 -37.38 2.84
N PRO C 205 27.93 -37.49 1.54
CA PRO C 205 26.53 -37.65 1.11
C PRO C 205 25.88 -38.87 1.76
N LYS C 206 24.68 -38.71 2.34
CA LYS C 206 23.91 -39.74 3.02
C LYS C 206 22.46 -39.70 2.52
N MET C 207 21.98 -40.80 2.22
CA MET C 207 20.69 -40.88 1.57
C MET C 207 19.56 -40.76 2.59
N VAL C 208 18.51 -40.02 2.21
CA VAL C 208 17.33 -39.78 3.10
C VAL C 208 16.40 -40.99 3.03
N LYS C 209 16.45 -41.85 4.06
CA LYS C 209 15.65 -43.11 4.08
C LYS C 209 14.14 -42.81 4.08
N VAL C 210 13.69 -41.79 4.84
CA VAL C 210 12.23 -41.52 4.96
C VAL C 210 11.59 -41.32 3.59
N LEU C 211 12.34 -40.79 2.62
CA LEU C 211 11.72 -40.54 1.32
C LEU C 211 11.84 -41.71 0.35
N LEU C 212 12.52 -42.79 0.74
CA LEU C 212 12.52 -43.98 -0.10
C LEU C 212 11.10 -44.53 -0.23
N GLY C 213 10.76 -45.01 -1.42
CA GLY C 213 9.40 -45.32 -1.79
C GLY C 213 8.75 -44.23 -2.62
N HIS C 214 9.18 -42.98 -2.44
CA HIS C 214 8.85 -41.89 -3.35
C HIS C 214 10.02 -41.66 -4.30
N ARG C 215 9.71 -41.21 -5.50
CA ARG C 215 10.71 -40.84 -6.49
C ARG C 215 10.90 -39.32 -6.40
N VAL C 216 11.99 -38.90 -5.74
CA VAL C 216 12.28 -37.48 -5.60
C VAL C 216 12.86 -36.97 -6.91
N ILE C 217 12.28 -35.87 -7.42
CA ILE C 217 12.68 -35.33 -8.71
C ILE C 217 13.25 -33.91 -8.62
N GLN C 218 13.12 -33.24 -7.48
CA GLN C 218 13.68 -31.90 -7.31
C GLN C 218 13.90 -31.67 -5.82
N VAL C 219 14.89 -30.85 -5.51
CA VAL C 219 15.26 -30.55 -4.13
C VAL C 219 15.72 -29.11 -4.04
N ALA C 220 15.38 -28.45 -2.93
CA ALA C 220 15.80 -27.07 -2.67
C ALA C 220 16.30 -26.96 -1.24
N CYS C 221 17.32 -26.14 -1.03
CA CYS C 221 17.96 -26.00 0.27
C CYS C 221 17.95 -24.54 0.71
N GLY C 222 17.72 -24.30 1.99
CA GLY C 222 17.70 -22.97 2.55
C GLY C 222 19.05 -22.54 3.12
N SER C 223 19.02 -21.41 3.83
CA SER C 223 20.23 -20.82 4.38
C SER C 223 20.04 -20.53 5.87
N ARG C 224 21.17 -20.25 6.53
CA ARG C 224 21.23 -19.94 7.97
C ARG C 224 20.57 -21.08 8.72
N ASP C 225 19.63 -20.82 9.63
CA ASP C 225 18.82 -21.89 10.20
C ASP C 225 17.87 -22.40 9.12
N ALA C 226 18.30 -23.43 8.40
CA ALA C 226 17.80 -23.71 7.05
C ALA C 226 16.73 -24.79 7.03
N GLN C 227 15.81 -24.66 6.08
CA GLN C 227 14.88 -25.69 5.72
C GLN C 227 15.34 -26.40 4.45
N THR C 228 14.71 -27.52 4.15
CA THR C 228 14.92 -28.25 2.91
C THR C 228 13.57 -28.65 2.35
N LEU C 229 13.42 -28.55 1.03
CA LEU C 229 12.20 -28.97 0.34
C LEU C 229 12.53 -30.03 -0.69
N ALA C 230 11.55 -30.90 -0.95
CA ALA C 230 11.71 -31.97 -1.93
C ALA C 230 10.39 -32.19 -2.64
N LEU C 231 10.47 -32.53 -3.91
CA LEU C 231 9.31 -32.75 -4.76
C LEU C 231 9.40 -34.14 -5.38
N THR C 232 8.30 -34.87 -5.34
CA THR C 232 8.21 -36.21 -5.93
C THR C 232 7.46 -36.14 -7.25
N ASP C 233 7.59 -37.21 -8.05
CA ASP C 233 6.95 -37.25 -9.36
C ASP C 233 5.43 -37.36 -9.27
N GLU C 234 4.88 -37.62 -8.10
CA GLU C 234 3.43 -37.58 -7.90
C GLU C 234 2.94 -36.20 -7.49
N GLY C 235 3.83 -35.21 -7.39
CA GLY C 235 3.44 -33.87 -7.02
C GLY C 235 3.51 -33.55 -5.55
N LEU C 236 3.92 -34.51 -4.72
CA LEU C 236 4.02 -34.27 -3.29
C LEU C 236 5.25 -33.44 -2.96
N VAL C 237 5.06 -32.46 -2.08
CA VAL C 237 6.14 -31.61 -1.60
C VAL C 237 6.41 -31.96 -0.14
N PHE C 238 7.67 -32.20 0.19
CA PHE C 238 8.10 -32.48 1.55
C PHE C 238 8.99 -31.36 2.05
N SER C 239 8.97 -31.14 3.36
CA SER C 239 9.80 -30.12 3.98
C SER C 239 10.33 -30.66 5.31
N TRP C 240 11.52 -30.18 5.68
CA TRP C 240 12.11 -30.52 6.97
C TRP C 240 13.19 -29.50 7.28
N GLY C 241 13.66 -29.54 8.52
CA GLY C 241 14.68 -28.63 8.97
C GLY C 241 14.18 -27.63 10.00
N ASP C 242 14.76 -26.44 9.99
CA ASP C 242 14.37 -25.41 10.95
C ASP C 242 12.95 -24.91 10.65
N GLY C 243 12.17 -24.71 11.71
CA GLY C 243 10.79 -24.32 11.59
C GLY C 243 10.47 -22.85 11.76
N ASP C 244 11.47 -22.02 12.06
CA ASP C 244 11.23 -20.60 12.32
C ASP C 244 10.47 -19.95 11.17
N PHE C 245 9.51 -19.09 11.53
CA PHE C 245 8.75 -18.26 10.61
C PHE C 245 7.86 -19.06 9.67
N GLY C 246 7.63 -20.34 9.96
CA GLY C 246 6.71 -21.13 9.17
C GLY C 246 7.19 -21.53 7.79
N LYS C 247 8.51 -21.53 7.55
CA LYS C 247 9.02 -21.87 6.22
C LYS C 247 8.89 -23.35 5.90
N LEU C 248 8.58 -24.19 6.90
CA LEU C 248 8.28 -25.60 6.61
C LEU C 248 6.88 -25.77 6.05
N GLY C 249 6.02 -24.76 6.21
CA GLY C 249 4.74 -24.75 5.51
C GLY C 249 3.64 -25.56 6.13
N ARG C 250 3.78 -25.97 7.40
CA ARG C 250 2.75 -26.76 8.06
C ARG C 250 2.31 -26.09 9.37
N GLY C 251 2.31 -24.77 9.41
CA GLY C 251 1.85 -24.02 10.55
C GLY C 251 2.90 -23.93 11.64
N GLY C 252 2.68 -22.98 12.55
CA GLY C 252 3.52 -22.80 13.72
C GLY C 252 4.97 -22.51 13.37
N SER C 253 5.86 -22.86 14.30
CA SER C 253 7.28 -22.62 14.14
C SER C 253 8.13 -23.83 14.51
N GLU C 254 7.51 -25.00 14.68
CA GLU C 254 8.24 -26.19 15.11
C GLU C 254 9.02 -26.77 13.94
N GLY C 255 10.29 -27.09 14.17
CA GLY C 255 11.10 -27.77 13.18
C GLY C 255 10.93 -29.28 13.25
N CYS C 256 11.61 -29.95 12.33
CA CYS C 256 11.63 -31.41 12.30
C CYS C 256 12.88 -31.87 11.59
N ASN C 257 13.30 -33.09 11.89
CA ASN C 257 14.48 -33.68 11.28
C ASN C 257 14.15 -34.85 10.36
N ILE C 258 12.87 -35.04 10.02
CA ILE C 258 12.50 -36.01 9.00
C ILE C 258 11.58 -35.31 7.99
N PRO C 259 11.62 -35.69 6.72
CA PRO C 259 10.70 -35.10 5.74
C PRO C 259 9.25 -35.28 6.16
N GLN C 260 8.47 -34.22 5.97
CA GLN C 260 7.04 -34.24 6.24
C GLN C 260 6.31 -33.64 5.04
N ASN C 261 5.22 -34.28 4.64
CA ASN C 261 4.45 -33.80 3.50
C ASN C 261 3.79 -32.47 3.82
N ILE C 262 3.95 -31.50 2.92
CA ILE C 262 3.22 -30.24 3.02
C ILE C 262 1.83 -30.48 2.43
N GLU C 263 0.86 -30.73 3.30
CA GLU C 263 -0.45 -31.20 2.86
C GLU C 263 -1.13 -30.19 1.92
N ARG C 264 -0.95 -28.90 2.18
CA ARG C 264 -1.68 -27.89 1.41
C ARG C 264 -1.31 -27.91 -0.07
N LEU C 265 -0.12 -28.38 -0.42
CA LEU C 265 0.32 -28.37 -1.81
C LEU C 265 -0.04 -29.65 -2.56
N ASN C 266 -0.62 -30.64 -1.89
CA ASN C 266 -1.05 -31.85 -2.58
C ASN C 266 -2.12 -31.52 -3.60
N GLY C 267 -2.04 -32.16 -4.77
CA GLY C 267 -3.00 -31.96 -5.83
C GLY C 267 -2.87 -30.66 -6.59
N GLN C 268 -1.87 -29.84 -6.28
CA GLN C 268 -1.71 -28.55 -6.94
C GLN C 268 -0.83 -28.63 -8.19
N GLY C 269 -0.14 -29.75 -8.42
CA GLY C 269 0.69 -29.89 -9.59
C GLY C 269 1.98 -29.11 -9.54
N VAL C 270 2.63 -29.07 -8.37
CA VAL C 270 3.87 -28.31 -8.23
C VAL C 270 4.96 -28.94 -9.10
N CYS C 271 5.64 -28.09 -9.87
CA CYS C 271 6.72 -28.55 -10.74
C CYS C 271 8.06 -27.91 -10.44
N GLN C 272 8.12 -26.90 -9.56
CA GLN C 272 9.39 -26.28 -9.20
C GLN C 272 9.31 -25.79 -7.76
N ILE C 273 10.41 -25.96 -7.02
CA ILE C 273 10.53 -25.51 -5.65
C ILE C 273 11.83 -24.75 -5.48
N GLU C 274 11.81 -23.74 -4.61
CA GLU C 274 12.97 -22.88 -4.36
C GLU C 274 12.97 -22.45 -2.91
N CYS C 275 14.16 -22.19 -2.39
CA CYS C 275 14.33 -21.68 -1.03
C CYS C 275 15.18 -20.41 -1.09
N GLY C 276 14.63 -19.31 -0.59
CA GLY C 276 15.38 -18.09 -0.38
C GLY C 276 15.93 -18.04 1.03
N ALA C 277 16.01 -16.83 1.57
CA ALA C 277 16.45 -16.63 2.94
C ALA C 277 15.23 -16.74 3.85
N GLN C 278 15.14 -17.86 4.57
CA GLN C 278 14.07 -18.10 5.55
C GLN C 278 12.68 -18.07 4.91
N PHE C 279 12.57 -18.40 3.63
CA PHE C 279 11.25 -18.53 3.02
C PHE C 279 11.32 -19.51 1.87
N SER C 280 10.15 -20.02 1.49
CA SER C 280 10.05 -21.07 0.48
C SER C 280 9.11 -20.63 -0.62
N LEU C 281 9.27 -21.25 -1.79
CA LEU C 281 8.49 -20.87 -2.96
C LEU C 281 8.21 -22.11 -3.80
N ALA C 282 7.01 -22.16 -4.38
CA ALA C 282 6.61 -23.29 -5.21
C ALA C 282 5.86 -22.78 -6.43
N LEU C 283 6.15 -23.39 -7.59
CA LEU C 283 5.47 -23.09 -8.84
C LEU C 283 4.76 -24.34 -9.34
N THR C 284 3.56 -24.16 -9.87
CA THR C 284 2.75 -25.27 -10.36
C THR C 284 2.74 -25.32 -11.88
N LYS C 285 2.37 -26.49 -12.41
CA LYS C 285 2.30 -26.66 -13.85
C LYS C 285 1.30 -25.72 -14.50
N SER C 286 0.29 -25.28 -13.76
CA SER C 286 -0.73 -24.37 -14.29
C SER C 286 -0.35 -22.90 -14.14
N GLY C 287 0.80 -22.60 -13.56
CA GLY C 287 1.30 -21.24 -13.50
C GLY C 287 1.07 -20.50 -12.20
N VAL C 288 0.66 -21.19 -11.14
CA VAL C 288 0.40 -20.57 -9.85
C VAL C 288 1.68 -20.58 -9.02
N VAL C 289 1.90 -19.50 -8.28
CA VAL C 289 3.06 -19.36 -7.40
C VAL C 289 2.57 -19.34 -5.96
N TRP C 290 3.23 -20.14 -5.11
CA TRP C 290 2.97 -20.17 -3.68
C TRP C 290 4.24 -19.79 -2.94
N THR C 291 4.09 -18.99 -1.88
CA THR C 291 5.21 -18.64 -1.01
C THR C 291 4.79 -18.76 0.44
N TRP C 292 5.77 -19.02 1.30
CA TRP C 292 5.54 -19.07 2.74
C TRP C 292 6.88 -18.93 3.44
N GLY C 293 6.82 -18.51 4.70
CA GLY C 293 8.03 -18.28 5.47
C GLY C 293 8.12 -16.88 6.03
N LYS C 294 9.34 -16.43 6.31
CA LYS C 294 9.55 -15.12 6.91
C LYS C 294 9.04 -14.02 5.98
N GLY C 295 8.37 -13.03 6.55
CA GLY C 295 7.69 -12.02 5.76
C GLY C 295 8.38 -10.67 5.67
N ASP C 296 9.38 -10.43 6.51
CA ASP C 296 10.02 -9.11 6.57
C ASP C 296 10.55 -8.70 5.21
N TYR C 297 10.48 -7.39 4.94
CA TYR C 297 10.93 -6.78 3.69
C TYR C 297 10.20 -7.34 2.48
N PHE C 298 9.01 -7.91 2.69
CA PHE C 298 8.06 -8.24 1.63
C PHE C 298 8.62 -9.27 0.65
N ARG C 299 9.46 -10.20 1.14
CA ARG C 299 10.02 -11.21 0.26
C ARG C 299 8.98 -12.20 -0.23
N LEU C 300 7.81 -12.28 0.42
CA LEU C 300 6.80 -13.25 0.06
C LEU C 300 5.85 -12.78 -1.04
N GLY C 301 5.67 -11.46 -1.18
CA GLY C 301 4.92 -10.91 -2.30
C GLY C 301 3.43 -10.77 -2.11
N HIS C 302 2.94 -10.72 -0.87
CA HIS C 302 1.51 -10.64 -0.60
C HIS C 302 1.06 -9.24 -0.22
N GLY C 303 1.94 -8.25 -0.33
CA GLY C 303 1.59 -6.87 -0.06
C GLY C 303 1.81 -6.41 1.36
N SER C 304 1.97 -7.35 2.31
CA SER C 304 2.33 -7.06 3.68
C SER C 304 3.54 -7.90 4.05
N ASP C 305 4.15 -7.61 5.20
CA ASP C 305 5.36 -8.29 5.61
C ASP C 305 5.14 -9.28 6.75
N VAL C 306 3.90 -9.76 6.93
CA VAL C 306 3.64 -10.75 7.96
C VAL C 306 4.18 -12.11 7.53
N HIS C 307 4.52 -12.94 8.51
CA HIS C 307 4.96 -14.29 8.23
C HIS C 307 3.80 -15.16 7.76
N VAL C 308 4.10 -16.13 6.92
CA VAL C 308 3.10 -17.02 6.33
C VAL C 308 3.56 -18.45 6.61
N ARG C 309 2.79 -19.18 7.42
CA ARG C 309 3.21 -20.45 7.96
C ARG C 309 2.66 -21.66 7.21
N LYS C 310 1.81 -21.43 6.20
CA LYS C 310 1.35 -22.44 5.27
C LYS C 310 1.28 -21.80 3.90
N PRO C 311 1.59 -22.56 2.83
CA PRO C 311 1.71 -21.95 1.51
C PRO C 311 0.49 -21.11 1.13
N GLN C 312 0.75 -19.94 0.57
CA GLN C 312 -0.28 -19.01 0.16
C GLN C 312 -0.02 -18.58 -1.29
N VAL C 313 -1.09 -18.56 -2.09
CA VAL C 313 -0.98 -18.12 -3.47
C VAL C 313 -0.54 -16.67 -3.53
N VAL C 314 0.46 -16.38 -4.37
CA VAL C 314 0.87 -15.00 -4.63
C VAL C 314 -0.21 -14.40 -5.52
N GLU C 315 -1.10 -13.64 -4.90
CA GLU C 315 -2.35 -13.31 -5.57
C GLU C 315 -2.17 -12.26 -6.65
N GLY C 316 -1.13 -11.43 -6.54
CA GLY C 316 -0.81 -10.45 -7.56
C GLY C 316 -0.44 -11.04 -8.91
N LEU C 317 -0.19 -12.35 -8.98
CA LEU C 317 0.12 -13.02 -10.23
C LEU C 317 -1.03 -13.89 -10.74
N ARG C 318 -2.20 -13.82 -10.09
CA ARG C 318 -3.35 -14.60 -10.56
C ARG C 318 -3.75 -14.15 -11.96
N GLY C 319 -4.10 -15.12 -12.80
CA GLY C 319 -4.40 -14.89 -14.18
C GLY C 319 -3.21 -14.96 -15.11
N LYS C 320 -2.00 -14.76 -14.59
CA LYS C 320 -0.78 -14.87 -15.37
C LYS C 320 -0.17 -16.25 -15.17
N LYS C 321 0.25 -16.88 -16.27
CA LYS C 321 0.78 -18.24 -16.23
C LYS C 321 2.28 -18.17 -16.12
N ILE C 322 2.81 -18.36 -14.91
CA ILE C 322 4.24 -18.31 -14.67
C ILE C 322 4.87 -19.62 -15.14
N VAL C 323 5.97 -19.53 -15.87
CA VAL C 323 6.67 -20.71 -16.38
C VAL C 323 8.04 -20.91 -15.73
N HIS C 324 8.55 -19.92 -15.00
CA HIS C 324 9.83 -20.08 -14.33
C HIS C 324 9.92 -19.05 -13.20
N VAL C 325 10.62 -19.43 -12.13
CA VAL C 325 10.77 -18.60 -10.95
C VAL C 325 12.20 -18.69 -10.43
N ALA C 326 12.59 -17.68 -9.67
CA ALA C 326 13.89 -17.64 -9.03
C ALA C 326 13.76 -16.79 -7.78
N VAL C 327 14.58 -17.10 -6.77
CA VAL C 327 14.55 -16.38 -5.50
C VAL C 327 15.96 -15.94 -5.16
N GLY C 328 16.08 -14.73 -4.64
CA GLY C 328 17.28 -14.26 -4.00
C GLY C 328 17.17 -14.40 -2.49
N ALA C 329 17.94 -13.57 -1.79
CA ALA C 329 17.80 -13.51 -0.34
C ALA C 329 16.44 -12.94 0.05
N LEU C 330 16.11 -11.75 -0.46
CA LEU C 330 14.88 -11.07 -0.08
C LEU C 330 14.02 -10.68 -1.28
N HIS C 331 14.28 -11.26 -2.44
CA HIS C 331 13.50 -10.93 -3.63
C HIS C 331 13.27 -12.19 -4.46
N CYS C 332 12.26 -12.12 -5.33
CA CYS C 332 11.92 -13.19 -6.24
C CYS C 332 11.70 -12.62 -7.63
N LEU C 333 11.87 -13.47 -8.64
CA LEU C 333 11.47 -13.16 -10.01
C LEU C 333 10.58 -14.26 -10.56
N ALA C 334 9.66 -13.88 -11.44
CA ALA C 334 8.74 -14.81 -12.06
C ALA C 334 8.52 -14.39 -13.51
N VAL C 335 8.54 -15.35 -14.43
CA VAL C 335 8.39 -15.10 -15.86
C VAL C 335 7.08 -15.71 -16.32
N THR C 336 6.30 -14.92 -17.05
CA THR C 336 5.08 -15.44 -17.65
C THR C 336 5.41 -16.21 -18.94
N ASP C 337 4.43 -16.97 -19.41
CA ASP C 337 4.59 -17.68 -20.67
C ASP C 337 4.68 -16.74 -21.87
N SER C 338 4.35 -15.46 -21.70
CA SER C 338 4.49 -14.46 -22.74
C SER C 338 5.78 -13.67 -22.63
N GLY C 339 6.64 -14.00 -21.68
CA GLY C 339 7.95 -13.38 -21.57
C GLY C 339 8.04 -12.20 -20.61
N GLN C 340 6.95 -11.84 -19.94
CA GLN C 340 6.99 -10.75 -18.99
C GLN C 340 7.59 -11.21 -17.67
N VAL C 341 8.45 -10.36 -17.09
CA VAL C 341 9.18 -10.66 -15.87
C VAL C 341 8.62 -9.80 -14.75
N TYR C 342 8.21 -10.43 -13.66
CA TYR C 342 7.69 -9.74 -12.49
C TYR C 342 8.64 -9.96 -11.32
N ALA C 343 8.75 -8.93 -10.48
CA ALA C 343 9.64 -8.96 -9.33
C ALA C 343 8.93 -8.40 -8.10
N TRP C 344 9.30 -8.92 -6.94
CA TRP C 344 8.81 -8.40 -5.67
C TRP C 344 9.89 -8.61 -4.62
N GLY C 345 9.81 -7.85 -3.55
CA GLY C 345 10.72 -7.96 -2.44
C GLY C 345 11.57 -6.73 -2.23
N ASP C 346 12.68 -6.93 -1.53
CA ASP C 346 13.54 -5.82 -1.13
C ASP C 346 14.27 -5.23 -2.34
N ASN C 347 14.62 -3.95 -2.22
CA ASN C 347 15.22 -3.20 -3.32
C ASN C 347 16.36 -2.29 -2.88
N ASP C 348 17.08 -2.63 -1.82
CA ASP C 348 18.16 -1.74 -1.33
C ASP C 348 19.26 -1.59 -2.39
N HIS C 349 19.43 -2.58 -3.25
CA HIS C 349 20.53 -2.55 -4.25
C HIS C 349 20.01 -2.52 -5.69
N GLY C 350 18.73 -2.27 -5.88
CA GLY C 350 18.14 -2.18 -7.22
C GLY C 350 17.74 -3.53 -7.79
N GLN C 351 17.64 -4.58 -6.96
CA GLN C 351 17.39 -5.91 -7.52
C GLN C 351 15.96 -6.10 -8.00
N GLN C 352 15.05 -5.18 -7.70
CA GLN C 352 13.70 -5.26 -8.26
C GLN C 352 13.69 -4.89 -9.73
N GLY C 353 14.65 -4.08 -10.17
CA GLY C 353 14.67 -3.64 -11.56
C GLY C 353 13.57 -2.68 -11.92
N ASN C 354 13.09 -1.87 -10.96
CA ASN C 354 12.05 -0.89 -11.24
C ASN C 354 12.63 0.52 -11.40
N GLY C 355 13.92 0.63 -11.67
CA GLY C 355 14.57 1.92 -11.83
C GLY C 355 14.72 2.72 -10.56
N THR C 356 14.33 2.19 -9.41
CA THR C 356 14.41 2.90 -8.14
C THR C 356 15.09 2.00 -7.12
N THR C 357 15.15 2.48 -5.88
CA THR C 357 15.44 1.62 -4.73
C THR C 357 14.19 1.40 -3.88
N THR C 358 13.01 1.56 -4.48
CA THR C 358 11.76 1.40 -3.76
C THR C 358 11.36 -0.07 -3.70
N VAL C 359 10.92 -0.52 -2.51
CA VAL C 359 10.50 -1.90 -2.32
C VAL C 359 9.27 -2.19 -3.19
N ASN C 360 9.23 -3.39 -3.75
CA ASN C 360 8.04 -3.92 -4.43
C ASN C 360 7.29 -4.80 -3.43
N ARG C 361 6.22 -4.26 -2.83
CA ARG C 361 5.44 -5.04 -1.89
C ARG C 361 4.68 -6.16 -2.58
N LYS C 362 4.31 -5.95 -3.83
CA LYS C 362 3.55 -6.91 -4.63
C LYS C 362 4.29 -7.14 -5.94
N PRO C 363 3.99 -8.23 -6.64
CA PRO C 363 4.65 -8.48 -7.94
C PRO C 363 4.52 -7.29 -8.86
N THR C 364 5.65 -6.86 -9.41
CA THR C 364 5.72 -5.66 -10.23
C THR C 364 6.52 -5.96 -11.48
N LEU C 365 5.99 -5.58 -12.64
CA LEU C 365 6.68 -5.80 -13.90
C LEU C 365 8.01 -5.05 -13.90
N VAL C 366 9.07 -5.73 -14.33
CA VAL C 366 10.35 -5.07 -14.55
C VAL C 366 10.30 -4.38 -15.91
N GLN C 367 10.84 -3.17 -15.97
N GLN C 367 10.83 -3.16 -15.98
CA GLN C 367 10.80 -2.36 -17.18
CA GLN C 367 10.72 -2.38 -17.21
C GLN C 367 11.92 -2.77 -18.13
C GLN C 367 11.93 -2.61 -18.11
N GLY C 368 11.73 -2.42 -19.41
CA GLY C 368 12.78 -2.52 -20.40
C GLY C 368 12.92 -3.84 -21.12
N LEU C 369 12.07 -4.82 -20.83
CA LEU C 369 12.24 -6.17 -21.41
C LEU C 369 11.14 -6.54 -22.39
N GLU C 370 10.26 -5.61 -22.77
CA GLU C 370 9.20 -5.95 -23.72
C GLU C 370 9.80 -6.24 -25.08
N GLY C 371 9.33 -7.32 -25.71
CA GLY C 371 9.89 -7.81 -26.94
C GLY C 371 10.91 -8.92 -26.76
N GLN C 372 11.71 -8.83 -25.71
CA GLN C 372 12.65 -9.91 -25.39
C GLN C 372 11.80 -11.01 -24.75
N LYS C 373 11.76 -12.17 -25.37
CA LYS C 373 10.87 -13.20 -24.80
C LYS C 373 11.67 -13.98 -23.76
N ILE C 374 11.73 -13.47 -22.53
CA ILE C 374 12.49 -14.10 -21.47
C ILE C 374 11.89 -15.47 -21.17
N THR C 375 12.75 -16.48 -21.05
CA THR C 375 12.32 -17.83 -20.72
C THR C 375 12.72 -18.27 -19.32
N ARG C 376 13.78 -17.72 -18.76
CA ARG C 376 14.26 -18.12 -17.45
C ARG C 376 14.77 -16.91 -16.69
N VAL C 377 14.75 -17.00 -15.37
CA VAL C 377 15.31 -15.99 -14.49
C VAL C 377 16.23 -16.67 -13.47
N ALA C 378 17.08 -15.85 -12.85
CA ALA C 378 17.96 -16.31 -11.80
C ALA C 378 18.21 -15.17 -10.83
N CYS C 379 18.50 -15.51 -9.59
CA CYS C 379 18.84 -14.53 -8.58
C CYS C 379 20.06 -14.98 -7.80
N GLY C 380 20.88 -13.99 -7.43
CA GLY C 380 21.84 -14.16 -6.36
C GLY C 380 21.36 -13.49 -5.08
N SER C 381 22.31 -13.31 -4.16
CA SER C 381 21.97 -12.69 -2.87
C SER C 381 21.21 -11.38 -3.05
N SER C 382 21.73 -10.49 -3.89
CA SER C 382 21.10 -9.19 -4.09
C SER C 382 21.12 -8.77 -5.55
N HIS C 383 21.15 -9.72 -6.48
CA HIS C 383 21.19 -9.39 -7.90
C HIS C 383 20.26 -10.33 -8.66
N SER C 384 19.98 -9.96 -9.91
CA SER C 384 18.93 -10.59 -10.70
C SER C 384 19.38 -10.76 -12.14
N VAL C 385 18.90 -11.82 -12.77
CA VAL C 385 19.26 -12.19 -14.14
C VAL C 385 18.02 -12.65 -14.87
N ALA C 386 17.95 -12.32 -16.17
CA ALA C 386 16.92 -12.84 -17.07
C ALA C 386 17.56 -13.10 -18.43
N TRP C 387 17.15 -14.19 -19.09
CA TRP C 387 17.74 -14.51 -20.38
C TRP C 387 16.74 -15.27 -21.24
N THR C 388 17.04 -15.30 -22.54
CA THR C 388 16.14 -15.79 -23.58
C THR C 388 16.57 -17.17 -24.08
N THR C 389 16.09 -17.55 -25.27
CA THR C 389 16.34 -18.84 -25.89
C THR C 389 17.82 -19.23 -25.89
N PHE D 2 -12.39 -26.14 16.96
CA PHE D 2 -13.27 -25.17 16.33
C PHE D 2 -13.81 -24.17 17.34
N ASP D 3 -13.76 -22.89 16.99
CA ASP D 3 -14.48 -21.86 17.73
C ASP D 3 -15.87 -21.74 17.14
N GLU D 4 -16.88 -21.74 18.01
CA GLU D 4 -18.25 -21.72 17.50
C GLU D 4 -18.63 -20.39 16.88
N ASP D 5 -17.81 -19.35 17.04
CA ASP D 5 -18.09 -18.03 16.48
C ASP D 5 -17.38 -17.78 15.16
N LYS D 6 -16.63 -18.76 14.65
CA LYS D 6 -16.03 -18.64 13.34
C LYS D 6 -17.07 -18.84 12.24
N ASP D 7 -16.83 -18.20 11.10
CA ASP D 7 -17.65 -18.43 9.93
C ASP D 7 -17.08 -19.56 9.10
N GLU D 8 -17.93 -20.18 8.29
CA GLU D 8 -17.53 -21.15 7.29
C GLU D 8 -17.73 -20.55 5.90
N ASP D 9 -16.73 -20.72 5.04
CA ASP D 9 -16.83 -20.23 3.67
C ASP D 9 -17.64 -21.22 2.85
N GLU D 10 -18.81 -20.78 2.40
CA GLU D 10 -19.69 -21.61 1.57
C GLU D 10 -19.61 -21.23 0.10
N PHE E 2 -8.65 4.79 -12.29
CA PHE E 2 -9.13 5.98 -11.59
C PHE E 2 -7.99 6.66 -10.84
N ASP E 3 -7.75 7.93 -11.17
CA ASP E 3 -6.88 8.80 -10.39
C ASP E 3 -7.67 10.07 -10.10
N GLU E 4 -7.68 10.49 -8.83
CA GLU E 4 -8.44 11.66 -8.43
C GLU E 4 -8.01 12.92 -9.19
N ASP E 5 -6.79 12.94 -9.72
CA ASP E 5 -6.22 14.12 -10.35
C ASP E 5 -6.19 14.01 -11.88
N LYS E 6 -6.94 13.07 -12.44
CA LYS E 6 -7.08 12.95 -13.89
C LYS E 6 -8.29 13.75 -14.35
N ASP E 7 -8.10 14.56 -15.39
CA ASP E 7 -9.23 15.23 -16.00
C ASP E 7 -10.06 14.24 -16.81
N GLU E 8 -11.34 14.58 -17.01
CA GLU E 8 -12.22 13.83 -17.87
C GLU E 8 -12.49 14.65 -19.13
N ASP E 9 -12.34 14.02 -20.29
CA ASP E 9 -12.65 14.66 -21.57
C ASP E 9 -14.16 14.82 -21.69
N GLU E 10 -14.66 16.02 -21.42
CA GLU E 10 -16.10 16.28 -21.42
C GLU E 10 -16.67 16.49 -22.81
N GLY E 11 -15.85 16.43 -23.86
CA GLY E 11 -16.33 16.59 -25.21
C GLY E 11 -15.35 17.31 -26.12
N ASP F 3 17.42 -7.33 8.03
CA ASP F 3 17.82 -8.73 8.15
C ASP F 3 19.32 -8.89 8.01
N GLU F 4 19.85 -9.96 8.62
CA GLU F 4 21.24 -10.34 8.45
C GLU F 4 21.51 -10.94 7.06
N ASP F 5 20.47 -11.17 6.27
CA ASP F 5 20.62 -11.64 4.90
C ASP F 5 20.68 -10.51 3.89
N LYS F 6 20.54 -9.27 4.33
CA LYS F 6 20.79 -8.12 3.47
C LYS F 6 22.27 -8.04 3.13
N ASP F 7 22.59 -7.86 1.86
CA ASP F 7 23.95 -7.52 1.51
C ASP F 7 24.23 -6.06 1.85
N GLU F 8 25.52 -5.75 1.95
CA GLU F 8 25.96 -4.38 2.21
C GLU F 8 26.85 -3.93 1.06
N ASP F 9 26.56 -2.75 0.52
CA ASP F 9 27.31 -2.20 -0.62
C ASP F 9 28.74 -1.89 -0.22
C1 CIT G . -9.92 -3.60 40.41
O1 CIT G . -10.21 -4.83 40.38
O2 CIT G . -10.43 -2.86 41.30
C2 CIT G . -8.94 -3.02 39.40
C3 CIT G . -7.90 -2.09 40.02
O7 CIT G . -8.57 -1.05 40.68
C4 CIT G . -7.04 -2.85 41.03
C5 CIT G . -6.80 -4.32 40.67
O3 CIT G . -6.17 -4.63 39.62
O4 CIT G . -7.25 -5.23 41.41
C6 CIT G . -7.02 -1.51 38.92
O5 CIT G . -6.45 -2.27 38.10
O6 CIT G . -6.86 -0.26 38.83
C1 CIT H . -6.27 -25.96 3.42
O1 CIT H . -5.90 -25.69 2.25
O2 CIT H . -6.87 -25.09 4.11
C2 CIT H . -6.00 -27.35 4.01
C3 CIT H . -4.91 -27.33 5.08
O7 CIT H . -3.82 -26.56 4.64
C4 CIT H . -4.44 -28.76 5.34
C5 CIT H . -3.18 -28.82 6.21
O3 CIT H . -2.20 -28.07 5.95
O4 CIT H . -3.12 -29.62 7.17
C6 CIT H . -5.46 -26.75 6.38
O5 CIT H . -5.25 -25.55 6.68
O6 CIT H . -6.13 -27.48 7.17
C1 CIT I . 23.75 -43.79 2.38
O1 CIT I . 24.45 -42.85 1.97
O2 CIT I . 23.09 -43.74 3.41
C2 CIT I . 23.74 -45.06 1.56
C3 CIT I . 25.04 -45.84 1.60
O7 CIT I . 24.76 -47.23 1.49
C4 CIT I . 25.94 -45.42 0.43
C5 CIT I . 25.25 -44.78 -0.77
O3 CIT I . 25.85 -43.88 -1.37
O4 CIT I . 24.13 -45.21 -1.10
C6 CIT I . 25.77 -45.55 2.93
O5 CIT I . 26.40 -44.48 3.00
O6 CIT I . 25.67 -46.39 3.85
#